data_1KJY
#
_entry.id   1KJY
#
_cell.length_a   69.510
_cell.length_b   82.040
_cell.length_c   187.240
_cell.angle_alpha   90.00
_cell.angle_beta   90.00
_cell.angle_gamma   90.00
#
_symmetry.space_group_name_H-M   'P 2 2 21'
#
loop_
_entity.id
_entity.type
_entity.pdbx_description
1 polymer 'GUANINE NUCLEOTIDE-BINDING PROTEIN G(I), ALPHA-1 SUBUNIT'
2 polymer 'REGULATOR OF G-PROTEIN SIGNALING 14'
3 non-polymer 'CESIUM ION'
4 non-polymer "GUANOSINE-5'-DIPHOSPHATE"
5 non-polymer 'MAGNESIUM ION'
6 water water
#
loop_
_entity_poly.entity_id
_entity_poly.type
_entity_poly.pdbx_seq_one_letter_code
_entity_poly.pdbx_strand_id
1 'polypeptide(L)'
;GAREVKLLLLGAGESGKSTIVKQMKIIHEAGYSEEECKQYKAVVYSNTIQSIIAIIRAMGRLKIDFGDSARADDARQLFV
LAGAAEEGFMTAELAGVIKRLWKDSGVQACFNRSREYQLNDSAAYYLNDLDRIAQPNYIPTQQDVLRTRVKTTGIVETHF
TFKDLHFKMFDVGGQRSERKKWIHCFEGVTAIIFCVALSDYDLVLAEDEEMNRMHESMKLFDSICNNKWFTDTSIILFLN
KKDLFEEKIKKSPLTICYPEYAGSNTYEEAAAYIQCQFEDLNKRKDTKEIYTHFTCATDTKNVQFVFDAVTDVIIKNNLK
DCGLF
;
A,C
2 'polypeptide(L)' DIEGLVELLNRVQSSGAHDQRGLLRKEDLVLPEFLQ B,D
#
loop_
_chem_comp.id
_chem_comp.type
_chem_comp.name
_chem_comp.formula
CS non-polymer 'CESIUM ION' 'Cs 1'
GDP RNA linking GUANOSINE-5'-DIPHOSPHATE 'C10 H15 N5 O11 P2'
MG non-polymer 'MAGNESIUM ION' 'Mg 2'
#
# COMPACT_ATOMS: atom_id res chain seq x y z
N GLY A 1 -27.64 20.96 -22.79
CA GLY A 1 -26.19 20.74 -22.51
C GLY A 1 -25.77 19.30 -22.75
N ALA A 2 -24.46 19.10 -22.94
CA ALA A 2 -23.91 17.76 -23.19
C ALA A 2 -23.93 16.92 -21.91
N ARG A 3 -24.36 15.67 -22.05
CA ARG A 3 -24.44 14.76 -20.93
C ARG A 3 -23.40 13.65 -21.09
N GLU A 4 -22.79 13.25 -19.98
CA GLU A 4 -21.87 12.15 -20.10
C GLU A 4 -22.78 10.95 -19.90
N VAL A 5 -22.65 9.97 -20.77
CA VAL A 5 -23.44 8.76 -20.67
C VAL A 5 -22.43 7.67 -20.38
N LYS A 6 -22.44 7.17 -19.15
CA LYS A 6 -21.50 6.13 -18.80
C LYS A 6 -22.19 4.77 -18.96
N LEU A 7 -21.74 4.03 -19.95
CA LEU A 7 -22.27 2.72 -20.27
C LEU A 7 -21.34 1.65 -19.75
N LEU A 8 -21.88 0.72 -18.99
CA LEU A 8 -21.09 -0.38 -18.45
C LEU A 8 -21.56 -1.70 -19.06
N LEU A 9 -20.62 -2.46 -19.63
CA LEU A 9 -20.92 -3.76 -20.23
C LEU A 9 -20.67 -4.85 -19.20
N LEU A 10 -21.64 -5.73 -18.98
CA LEU A 10 -21.44 -6.84 -18.04
C LEU A 10 -21.84 -8.11 -18.75
N GLY A 11 -21.48 -9.25 -18.18
CA GLY A 11 -21.81 -10.52 -18.77
C GLY A 11 -20.64 -11.48 -18.81
N ALA A 12 -20.94 -12.78 -18.78
CA ALA A 12 -19.92 -13.82 -18.82
C ALA A 12 -18.96 -13.69 -20.01
N GLY A 13 -17.76 -14.24 -19.88
CA GLY A 13 -16.83 -14.20 -20.97
C GLY A 13 -17.48 -14.88 -22.14
N GLU A 14 -17.14 -14.48 -23.35
CA GLU A 14 -17.70 -15.04 -24.58
C GLU A 14 -19.11 -14.55 -24.90
N SER A 15 -19.69 -13.73 -24.02
CA SER A 15 -21.04 -13.21 -24.23
C SER A 15 -21.11 -12.16 -25.34
N GLY A 16 -19.97 -11.60 -25.72
CA GLY A 16 -19.97 -10.61 -26.77
C GLY A 16 -19.70 -9.17 -26.36
N LYS A 17 -19.26 -8.96 -25.12
CA LYS A 17 -18.97 -7.60 -24.62
C LYS A 17 -17.91 -6.89 -25.46
N SER A 18 -16.75 -7.53 -25.57
CA SER A 18 -15.67 -6.98 -26.37
C SER A 18 -16.09 -6.68 -27.80
N THR A 19 -16.93 -7.53 -28.37
CA THR A 19 -17.38 -7.32 -29.74
C THR A 19 -18.31 -6.10 -29.91
N ILE A 20 -19.14 -5.82 -28.92
CA ILE A 20 -20.02 -4.66 -29.01
C ILE A 20 -19.16 -3.40 -29.03
N VAL A 21 -18.07 -3.41 -28.24
CA VAL A 21 -17.17 -2.26 -28.17
C VAL A 21 -16.61 -1.94 -29.55
N LYS A 22 -16.13 -2.96 -30.24
CA LYS A 22 -15.57 -2.77 -31.57
C LYS A 22 -16.64 -2.27 -32.54
N GLN A 23 -17.86 -2.75 -32.37
CA GLN A 23 -18.93 -2.32 -33.25
C GLN A 23 -19.14 -0.80 -33.12
N MET A 24 -18.94 -0.27 -31.92
CA MET A 24 -19.10 1.16 -31.68
C MET A 24 -18.08 1.97 -32.48
N LYS A 25 -16.84 1.48 -32.55
CA LYS A 25 -15.79 2.19 -33.29
C LYS A 25 -16.07 2.17 -34.79
N ILE A 26 -16.64 1.06 -35.27
CA ILE A 26 -16.96 0.91 -36.68
C ILE A 26 -18.16 1.77 -37.06
N ILE A 27 -19.11 1.86 -36.15
CA ILE A 27 -20.32 2.63 -36.38
C ILE A 27 -20.17 4.10 -36.01
N HIS A 28 -20.03 4.36 -34.71
CA HIS A 28 -19.92 5.73 -34.22
C HIS A 28 -18.53 6.33 -34.13
N GLU A 29 -17.57 5.74 -34.84
CA GLU A 29 -16.21 6.26 -34.83
C GLU A 29 -15.64 6.09 -36.24
N ALA A 30 -14.32 6.13 -36.35
CA ALA A 30 -13.66 6.00 -37.65
C ALA A 30 -13.71 4.58 -38.20
N GLY A 31 -13.56 3.60 -37.31
CA GLY A 31 -13.57 2.23 -37.75
C GLY A 31 -12.12 1.79 -37.89
N TYR A 32 -11.85 0.87 -38.81
CA TYR A 32 -10.49 0.41 -39.02
C TYR A 32 -10.04 0.70 -40.44
N SER A 33 -8.94 1.44 -40.58
CA SER A 33 -8.40 1.77 -41.90
C SER A 33 -7.58 0.59 -42.39
N GLU A 34 -7.22 0.61 -43.66
CA GLU A 34 -6.43 -0.45 -44.25
C GLU A 34 -5.08 -0.60 -43.54
N GLU A 35 -4.42 0.52 -43.27
CA GLU A 35 -3.13 0.50 -42.58
C GLU A 35 -3.30 -0.22 -41.26
N GLU A 36 -4.52 -0.13 -40.72
CA GLU A 36 -4.85 -0.73 -39.42
C GLU A 36 -5.36 -2.16 -39.49
N CYS A 37 -5.99 -2.53 -40.60
CA CYS A 37 -6.48 -3.90 -40.76
C CYS A 37 -5.27 -4.79 -40.99
N LYS A 38 -4.35 -4.33 -41.82
CA LYS A 38 -3.14 -5.10 -42.10
C LYS A 38 -2.51 -5.45 -40.78
N GLN A 39 -2.69 -4.56 -39.80
CA GLN A 39 -2.13 -4.74 -38.48
C GLN A 39 -2.65 -5.98 -37.76
N TYR A 40 -3.82 -6.46 -38.15
CA TYR A 40 -4.39 -7.63 -37.48
C TYR A 40 -4.02 -9.01 -38.02
N LYS A 41 -3.38 -9.07 -39.18
CA LYS A 41 -2.98 -10.35 -39.76
C LYS A 41 -2.41 -11.27 -38.69
N ALA A 42 -1.47 -10.76 -37.92
CA ALA A 42 -0.85 -11.56 -36.88
C ALA A 42 -1.85 -12.23 -35.94
N VAL A 43 -2.87 -11.49 -35.51
CA VAL A 43 -3.89 -12.02 -34.60
C VAL A 43 -4.84 -12.96 -35.33
N VAL A 44 -5.22 -12.58 -36.54
CA VAL A 44 -6.12 -13.39 -37.34
C VAL A 44 -5.53 -14.80 -37.47
N TYR A 45 -4.22 -14.89 -37.73
CA TYR A 45 -3.57 -16.19 -37.85
C TYR A 45 -3.41 -16.86 -36.50
N SER A 46 -3.03 -16.05 -35.51
CA SER A 46 -2.85 -16.57 -34.16
C SER A 46 -4.14 -17.24 -33.72
N ASN A 47 -5.27 -16.58 -33.99
CA ASN A 47 -6.58 -17.08 -33.62
C ASN A 47 -6.96 -18.33 -34.40
N THR A 48 -6.67 -18.31 -35.70
CA THR A 48 -6.98 -19.44 -36.56
C THR A 48 -6.29 -20.69 -36.04
N ILE A 49 -5.01 -20.54 -35.71
CA ILE A 49 -4.24 -21.67 -35.19
C ILE A 49 -4.77 -22.14 -33.84
N GLN A 50 -5.01 -21.20 -32.93
CA GLN A 50 -5.52 -21.54 -31.61
C GLN A 50 -6.82 -22.33 -31.69
N SER A 51 -7.61 -22.02 -32.71
CA SER A 51 -8.89 -22.70 -32.92
C SER A 51 -8.71 -24.16 -33.32
N ILE A 52 -7.94 -24.41 -34.38
CA ILE A 52 -7.73 -25.80 -34.82
C ILE A 52 -7.08 -26.60 -33.70
N ILE A 53 -6.27 -25.93 -32.89
CA ILE A 53 -5.59 -26.58 -31.78
C ILE A 53 -6.57 -26.91 -30.66
N ALA A 54 -7.48 -25.97 -30.38
CA ALA A 54 -8.49 -26.20 -29.35
C ALA A 54 -9.23 -27.49 -29.68
N ILE A 55 -9.59 -27.63 -30.96
CA ILE A 55 -10.28 -28.81 -31.44
C ILE A 55 -9.39 -30.06 -31.38
N ILE A 56 -8.15 -29.94 -31.78
CA ILE A 56 -7.24 -31.08 -31.74
C ILE A 56 -7.12 -31.56 -30.29
N ARG A 57 -6.96 -30.61 -29.36
CA ARG A 57 -6.85 -30.95 -27.94
C ARG A 57 -8.14 -31.67 -27.50
N ALA A 58 -9.28 -31.15 -27.92
CA ALA A 58 -10.56 -31.75 -27.57
C ALA A 58 -10.65 -33.22 -28.03
N MET A 59 -10.16 -33.51 -29.22
CA MET A 59 -10.21 -34.89 -29.73
C MET A 59 -9.50 -35.86 -28.79
N GLY A 60 -8.43 -35.37 -28.16
CA GLY A 60 -7.68 -36.20 -27.24
C GLY A 60 -8.52 -36.55 -26.03
N ARG A 61 -8.92 -35.53 -25.27
CA ARG A 61 -9.73 -35.72 -24.07
C ARG A 61 -10.99 -36.55 -24.33
N LEU A 62 -11.70 -36.25 -25.42
CA LEU A 62 -12.92 -36.99 -25.75
C LEU A 62 -12.66 -38.31 -26.51
N LYS A 63 -11.39 -38.59 -26.80
CA LYS A 63 -11.04 -39.82 -27.50
C LYS A 63 -11.72 -39.96 -28.88
N ILE A 64 -11.68 -38.90 -29.68
CA ILE A 64 -12.28 -38.95 -31.02
C ILE A 64 -11.12 -39.13 -32.02
N ASP A 65 -11.16 -40.20 -32.79
CA ASP A 65 -10.08 -40.44 -33.76
C ASP A 65 -10.31 -39.79 -35.11
N PHE A 66 -9.19 -39.46 -35.76
CA PHE A 66 -9.17 -38.83 -37.09
C PHE A 66 -9.82 -39.74 -38.11
N GLY A 67 -10.60 -39.16 -39.02
CA GLY A 67 -11.21 -39.97 -40.05
C GLY A 67 -10.10 -40.68 -40.81
N ASP A 68 -8.95 -40.03 -40.91
CA ASP A 68 -7.79 -40.58 -41.60
C ASP A 68 -6.60 -40.50 -40.66
N SER A 69 -5.95 -41.62 -40.40
CA SER A 69 -4.83 -41.66 -39.48
C SER A 69 -3.60 -40.83 -39.86
N ALA A 70 -3.55 -40.38 -41.11
CA ALA A 70 -2.43 -39.57 -41.56
C ALA A 70 -2.39 -38.24 -40.83
N ARG A 71 -3.58 -37.71 -40.53
CA ARG A 71 -3.71 -36.43 -39.84
C ARG A 71 -2.88 -36.31 -38.55
N ALA A 72 -2.56 -37.45 -37.95
CA ALA A 72 -1.76 -37.48 -36.72
C ALA A 72 -0.40 -36.81 -36.96
N ASP A 73 0.12 -37.00 -38.17
CA ASP A 73 1.40 -36.42 -38.55
C ASP A 73 1.16 -34.91 -38.70
N ASP A 74 0.05 -34.54 -39.33
CA ASP A 74 -0.28 -33.14 -39.52
C ASP A 74 -0.42 -32.45 -38.17
N ALA A 75 -1.22 -33.05 -37.29
CA ALA A 75 -1.43 -32.50 -35.96
C ALA A 75 -0.08 -32.27 -35.28
N ARG A 76 0.74 -33.31 -35.19
CA ARG A 76 2.04 -33.16 -34.56
C ARG A 76 2.82 -32.05 -35.26
N GLN A 77 2.63 -31.96 -36.57
CA GLN A 77 3.35 -30.97 -37.37
C GLN A 77 2.75 -29.59 -37.18
N LEU A 78 1.48 -29.55 -36.79
CA LEU A 78 0.78 -28.29 -36.57
C LEU A 78 1.46 -27.52 -35.45
N PHE A 79 1.79 -28.21 -34.38
CA PHE A 79 2.45 -27.58 -33.22
C PHE A 79 3.88 -27.13 -33.45
N VAL A 80 4.59 -27.80 -34.35
CA VAL A 80 5.96 -27.42 -34.65
C VAL A 80 5.90 -26.19 -35.55
N LEU A 81 5.28 -26.34 -36.70
CA LEU A 81 5.15 -25.24 -37.65
C LEU A 81 4.64 -23.97 -36.95
N ALA A 82 3.57 -24.11 -36.17
CA ALA A 82 2.99 -22.97 -35.44
C ALA A 82 4.06 -22.30 -34.61
N GLY A 83 4.65 -23.05 -33.69
CA GLY A 83 5.69 -22.51 -32.85
C GLY A 83 6.96 -22.40 -33.65
N ALA A 84 6.92 -21.65 -34.76
CA ALA A 84 8.09 -21.48 -35.61
C ALA A 84 7.81 -20.55 -36.79
N ALA A 85 6.56 -20.12 -36.92
CA ALA A 85 6.17 -19.25 -38.02
C ALA A 85 6.08 -17.79 -37.57
N GLU A 86 6.96 -16.93 -38.08
CA GLU A 86 6.96 -15.53 -37.68
C GLU A 86 5.56 -14.95 -37.75
N GLU A 87 5.12 -14.37 -36.64
CA GLU A 87 3.79 -13.78 -36.55
C GLU A 87 3.52 -12.88 -37.75
N GLY A 88 2.27 -12.89 -38.21
CA GLY A 88 1.91 -12.07 -39.33
C GLY A 88 1.87 -12.79 -40.66
N PHE A 89 2.65 -13.86 -40.78
CA PHE A 89 2.68 -14.62 -42.03
C PHE A 89 2.35 -16.09 -41.82
N MET A 90 1.74 -16.70 -42.84
CA MET A 90 1.39 -18.11 -42.80
C MET A 90 1.86 -18.77 -44.10
N THR A 91 2.71 -19.78 -43.96
CA THR A 91 3.27 -20.49 -45.10
C THR A 91 2.31 -21.44 -45.79
N ALA A 92 2.61 -21.76 -47.04
CA ALA A 92 1.80 -22.68 -47.82
C ALA A 92 1.79 -24.05 -47.14
N GLU A 93 2.76 -24.25 -46.25
CA GLU A 93 2.91 -25.50 -45.53
C GLU A 93 1.91 -25.60 -44.37
N LEU A 94 1.85 -24.55 -43.56
CA LEU A 94 0.94 -24.51 -42.44
C LEU A 94 -0.51 -24.48 -42.94
N ALA A 95 -0.75 -23.70 -43.98
CA ALA A 95 -2.09 -23.60 -44.54
C ALA A 95 -2.57 -24.99 -44.95
N GLY A 96 -1.66 -25.79 -45.51
CA GLY A 96 -2.04 -27.11 -45.94
C GLY A 96 -2.43 -28.02 -44.79
N VAL A 97 -1.58 -28.06 -43.77
CA VAL A 97 -1.80 -28.86 -42.59
C VAL A 97 -3.15 -28.54 -41.96
N ILE A 98 -3.45 -27.24 -41.86
CA ILE A 98 -4.70 -26.79 -41.28
C ILE A 98 -5.85 -27.23 -42.18
N LYS A 99 -5.72 -26.97 -43.48
CA LYS A 99 -6.78 -27.35 -44.40
C LYS A 99 -7.07 -28.85 -44.34
N ARG A 100 -6.05 -29.67 -44.23
CA ARG A 100 -6.28 -31.11 -44.16
C ARG A 100 -6.92 -31.52 -42.83
N LEU A 101 -6.49 -30.91 -41.74
CA LEU A 101 -7.05 -31.22 -40.44
C LEU A 101 -8.51 -30.77 -40.33
N TRP A 102 -8.80 -29.56 -40.80
CA TRP A 102 -10.15 -29.02 -40.75
C TRP A 102 -11.06 -29.85 -41.64
N LYS A 103 -10.48 -30.45 -42.68
CA LYS A 103 -11.23 -31.27 -43.62
C LYS A 103 -11.53 -32.68 -43.09
N ASP A 104 -10.68 -33.18 -42.20
CA ASP A 104 -10.84 -34.53 -41.61
C ASP A 104 -12.19 -34.77 -40.93
N SER A 105 -12.82 -35.90 -41.26
CA SER A 105 -14.13 -36.21 -40.67
C SER A 105 -14.02 -36.40 -39.15
N GLY A 106 -12.86 -36.88 -38.69
CA GLY A 106 -12.67 -37.06 -37.27
C GLY A 106 -12.69 -35.71 -36.59
N VAL A 107 -11.94 -34.76 -37.15
CA VAL A 107 -11.89 -33.42 -36.60
C VAL A 107 -13.25 -32.72 -36.73
N GLN A 108 -13.95 -32.90 -37.84
CA GLN A 108 -15.25 -32.27 -37.98
C GLN A 108 -16.21 -32.88 -36.97
N ALA A 109 -16.02 -34.17 -36.69
CA ALA A 109 -16.86 -34.89 -35.74
C ALA A 109 -16.70 -34.25 -34.38
N CYS A 110 -15.45 -33.96 -34.04
CA CYS A 110 -15.17 -33.33 -32.76
C CYS A 110 -15.71 -31.90 -32.75
N PHE A 111 -15.58 -31.22 -33.89
CA PHE A 111 -16.06 -29.84 -33.99
C PHE A 111 -17.55 -29.76 -33.69
N ASN A 112 -18.27 -30.78 -34.12
CA ASN A 112 -19.70 -30.83 -33.91
C ASN A 112 -20.08 -31.08 -32.47
N ARG A 113 -19.11 -31.48 -31.67
CA ARG A 113 -19.38 -31.73 -30.26
C ARG A 113 -18.78 -30.63 -29.38
N SER A 114 -18.56 -29.46 -29.99
CA SER A 114 -17.96 -28.34 -29.29
C SER A 114 -18.66 -28.00 -27.97
N ARG A 115 -19.87 -28.52 -27.77
CA ARG A 115 -20.62 -28.26 -26.55
C ARG A 115 -19.98 -28.97 -25.34
N GLU A 116 -19.18 -29.99 -25.62
CA GLU A 116 -18.53 -30.75 -24.56
C GLU A 116 -17.24 -30.09 -24.11
N TYR A 117 -16.80 -29.08 -24.84
CA TYR A 117 -15.60 -28.36 -24.45
C TYR A 117 -15.82 -26.88 -24.71
N GLN A 118 -14.75 -26.09 -24.66
CA GLN A 118 -14.90 -24.66 -24.87
C GLN A 118 -14.19 -24.19 -26.13
N LEU A 119 -14.95 -24.05 -27.21
CA LEU A 119 -14.40 -23.61 -28.49
C LEU A 119 -14.91 -22.21 -28.75
N ASN A 120 -13.99 -21.27 -28.94
CA ASN A 120 -14.41 -19.90 -29.20
C ASN A 120 -15.26 -19.86 -30.46
N ASP A 121 -16.17 -18.89 -30.54
CA ASP A 121 -17.04 -18.79 -31.70
C ASP A 121 -16.49 -18.00 -32.87
N SER A 122 -15.21 -18.19 -33.16
CA SER A 122 -14.57 -17.53 -34.28
C SER A 122 -13.84 -18.60 -35.08
N ALA A 123 -13.65 -19.77 -34.46
CA ALA A 123 -12.98 -20.89 -35.08
C ALA A 123 -13.60 -21.20 -36.44
N ALA A 124 -14.91 -21.41 -36.48
CA ALA A 124 -15.61 -21.70 -37.72
C ALA A 124 -15.37 -20.60 -38.74
N TYR A 125 -15.65 -19.36 -38.34
CA TYR A 125 -15.49 -18.18 -39.18
C TYR A 125 -14.15 -18.17 -39.93
N TYR A 126 -13.06 -18.43 -39.21
CA TYR A 126 -11.74 -18.42 -39.81
C TYR A 126 -11.33 -19.70 -40.52
N LEU A 127 -11.65 -20.86 -39.94
CA LEU A 127 -11.24 -22.12 -40.55
C LEU A 127 -11.87 -22.36 -41.91
N ASN A 128 -13.04 -21.78 -42.15
CA ASN A 128 -13.68 -21.95 -43.45
C ASN A 128 -13.03 -21.04 -44.50
N ASP A 129 -12.66 -19.83 -44.10
CA ASP A 129 -12.03 -18.85 -44.99
C ASP A 129 -10.53 -19.07 -45.20
N LEU A 130 -10.03 -20.27 -44.90
CA LEU A 130 -8.61 -20.55 -45.08
C LEU A 130 -8.10 -20.19 -46.47
N ASP A 131 -8.92 -20.41 -47.50
CA ASP A 131 -8.50 -20.08 -48.86
C ASP A 131 -7.99 -18.64 -48.87
N ARG A 132 -8.89 -17.72 -48.55
CA ARG A 132 -8.59 -16.30 -48.51
C ARG A 132 -7.51 -15.96 -47.49
N ILE A 133 -7.78 -16.25 -46.22
CA ILE A 133 -6.87 -15.98 -45.12
C ILE A 133 -5.43 -16.44 -45.32
N ALA A 134 -5.26 -17.63 -45.89
CA ALA A 134 -3.94 -18.21 -46.13
C ALA A 134 -3.10 -17.49 -47.21
N GLN A 135 -3.74 -17.02 -48.26
CA GLN A 135 -3.05 -16.32 -49.33
C GLN A 135 -2.17 -15.22 -48.74
N PRO A 136 -0.91 -15.10 -49.20
CA PRO A 136 0.04 -14.09 -48.71
C PRO A 136 -0.30 -12.62 -49.04
N ASN A 137 -1.16 -12.40 -50.03
CA ASN A 137 -1.56 -11.04 -50.40
C ASN A 137 -2.80 -10.65 -49.58
N TYR A 138 -3.03 -11.42 -48.52
CA TYR A 138 -4.17 -11.25 -47.64
C TYR A 138 -4.22 -9.97 -46.83
N ILE A 139 -5.37 -9.32 -46.88
CA ILE A 139 -5.59 -8.10 -46.11
C ILE A 139 -6.87 -8.31 -45.31
N PRO A 140 -6.74 -8.40 -43.99
CA PRO A 140 -7.94 -8.61 -43.16
C PRO A 140 -9.00 -7.56 -43.49
N THR A 141 -10.26 -7.98 -43.61
CA THR A 141 -11.33 -7.04 -43.88
C THR A 141 -11.86 -6.54 -42.54
N GLN A 142 -12.86 -5.66 -42.58
CA GLN A 142 -13.39 -5.16 -41.32
C GLN A 142 -14.01 -6.30 -40.52
N GLN A 143 -14.85 -7.09 -41.19
CA GLN A 143 -15.48 -8.22 -40.52
C GLN A 143 -14.42 -9.17 -39.99
N ASP A 144 -13.27 -9.26 -40.67
CA ASP A 144 -12.21 -10.15 -40.21
C ASP A 144 -11.68 -9.63 -38.88
N VAL A 145 -11.45 -8.33 -38.82
CA VAL A 145 -10.92 -7.68 -37.62
C VAL A 145 -11.92 -7.74 -36.48
N LEU A 146 -13.21 -7.67 -36.82
CA LEU A 146 -14.30 -7.70 -35.85
C LEU A 146 -14.33 -9.04 -35.11
N ARG A 147 -13.92 -10.09 -35.82
CA ARG A 147 -13.91 -11.45 -35.29
C ARG A 147 -12.65 -11.81 -34.51
N THR A 148 -11.65 -10.95 -34.53
CA THR A 148 -10.40 -11.23 -33.82
C THR A 148 -10.64 -11.38 -32.34
N ARG A 149 -9.59 -11.71 -31.59
CA ARG A 149 -9.65 -11.89 -30.14
C ARG A 149 -8.32 -11.48 -29.53
N VAL A 150 -8.30 -10.33 -28.84
CA VAL A 150 -7.08 -9.81 -28.25
C VAL A 150 -6.98 -9.81 -26.72
N LYS A 151 -6.14 -8.91 -26.19
CA LYS A 151 -5.87 -8.79 -24.75
C LYS A 151 -6.74 -7.82 -23.94
N THR A 152 -7.30 -8.30 -22.85
CA THR A 152 -8.11 -7.46 -21.95
C THR A 152 -7.25 -7.10 -20.74
N THR A 153 -6.21 -6.31 -20.99
CA THR A 153 -5.34 -5.87 -19.91
C THR A 153 -5.99 -4.69 -19.22
N GLY A 154 -6.58 -4.96 -18.06
CA GLY A 154 -7.25 -3.92 -17.31
C GLY A 154 -8.71 -3.77 -17.67
N ILE A 155 -9.09 -2.58 -18.13
CA ILE A 155 -10.47 -2.28 -18.51
C ILE A 155 -10.48 -1.65 -19.88
N VAL A 156 -11.32 -2.19 -20.77
CA VAL A 156 -11.42 -1.69 -22.13
C VAL A 156 -12.49 -0.60 -22.22
N GLU A 157 -12.28 0.38 -23.10
CA GLU A 157 -13.24 1.48 -23.25
C GLU A 157 -13.21 2.20 -24.61
N THR A 158 -14.26 2.95 -24.89
CA THR A 158 -14.35 3.72 -26.13
C THR A 158 -15.14 4.98 -25.86
N HIS A 159 -14.75 6.06 -26.52
CA HIS A 159 -15.42 7.34 -26.38
C HIS A 159 -16.06 7.61 -27.73
N PHE A 160 -17.32 8.00 -27.74
CA PHE A 160 -17.95 8.32 -29.00
C PHE A 160 -19.19 9.16 -28.79
N THR A 161 -19.42 10.07 -29.72
CA THR A 161 -20.57 10.96 -29.66
C THR A 161 -21.69 10.41 -30.52
N PHE A 162 -22.87 10.33 -29.93
CA PHE A 162 -24.03 9.84 -30.66
C PHE A 162 -25.22 10.63 -30.12
N LYS A 163 -26.03 11.16 -31.04
CA LYS A 163 -27.18 11.97 -30.66
C LYS A 163 -26.73 12.97 -29.58
N ASP A 164 -25.66 13.67 -29.90
CA ASP A 164 -25.06 14.69 -29.05
C ASP A 164 -24.82 14.28 -27.60
N LEU A 165 -24.48 13.02 -27.39
CA LEU A 165 -24.21 12.52 -26.05
C LEU A 165 -22.75 12.07 -25.99
N HIS A 166 -22.13 12.22 -24.83
CA HIS A 166 -20.74 11.80 -24.66
C HIS A 166 -20.72 10.39 -24.11
N PHE A 167 -20.79 9.41 -25.00
CA PHE A 167 -20.78 8.01 -24.59
C PHE A 167 -19.40 7.52 -24.18
N LYS A 168 -19.37 6.90 -23.01
CA LYS A 168 -18.16 6.33 -22.46
C LYS A 168 -18.53 4.89 -22.16
N MET A 169 -18.11 3.97 -23.01
CA MET A 169 -18.44 2.55 -22.84
C MET A 169 -17.33 1.77 -22.13
N PHE A 170 -17.65 1.19 -20.98
CA PHE A 170 -16.69 0.42 -20.20
C PHE A 170 -16.92 -1.08 -20.28
N ASP A 171 -15.82 -1.82 -20.20
CA ASP A 171 -15.88 -3.27 -20.24
C ASP A 171 -14.68 -3.91 -19.56
N VAL A 172 -14.94 -4.61 -18.47
CA VAL A 172 -13.88 -5.34 -17.77
C VAL A 172 -14.02 -6.73 -18.38
N GLY A 173 -13.61 -7.77 -17.67
CA GLY A 173 -13.75 -9.10 -18.24
C GLY A 173 -12.50 -9.94 -18.12
N GLY A 174 -12.43 -10.69 -17.02
CA GLY A 174 -11.27 -11.51 -16.77
C GLY A 174 -10.38 -10.76 -15.81
N GLN A 175 -10.02 -9.53 -16.17
CA GLN A 175 -9.18 -8.74 -15.30
C GLN A 175 -9.84 -8.66 -13.93
N ARG A 176 -9.35 -9.48 -13.00
CA ARG A 176 -9.90 -9.48 -11.65
C ARG A 176 -9.88 -8.04 -11.17
N SER A 177 -11.07 -7.49 -10.95
CA SER A 177 -11.19 -6.14 -10.45
C SER A 177 -11.77 -6.29 -9.06
N GLU A 178 -11.22 -5.53 -8.11
CA GLU A 178 -11.65 -5.62 -6.73
C GLU A 178 -12.81 -4.67 -6.43
N ARG A 179 -13.41 -4.86 -5.25
CA ARG A 179 -14.53 -4.03 -4.80
C ARG A 179 -14.20 -2.57 -5.09
N LYS A 180 -12.91 -2.26 -5.09
CA LYS A 180 -12.44 -0.93 -5.41
C LYS A 180 -12.95 -0.58 -6.81
N LYS A 181 -12.27 -1.15 -7.81
CA LYS A 181 -12.61 -0.92 -9.22
C LYS A 181 -14.10 -1.06 -9.48
N TRP A 182 -14.67 -2.18 -9.03
CA TRP A 182 -16.08 -2.44 -9.23
C TRP A 182 -16.96 -1.30 -8.75
N ILE A 183 -16.85 -0.95 -7.48
CA ILE A 183 -17.64 0.16 -6.96
C ILE A 183 -17.41 1.38 -7.84
N HIS A 184 -16.16 1.60 -8.23
CA HIS A 184 -15.80 2.74 -9.06
C HIS A 184 -16.34 2.66 -10.48
N CYS A 185 -16.65 1.44 -10.93
CA CYS A 185 -17.19 1.26 -12.27
C CYS A 185 -18.69 1.52 -12.25
N PHE A 186 -19.34 1.02 -11.20
CA PHE A 186 -20.77 1.21 -11.02
C PHE A 186 -21.08 2.68 -10.80
N GLU A 187 -20.35 3.33 -9.91
CA GLU A 187 -20.59 4.75 -9.63
C GLU A 187 -20.59 5.54 -10.94
N GLY A 188 -21.69 6.24 -11.19
CA GLY A 188 -21.81 7.04 -12.39
C GLY A 188 -22.48 6.34 -13.56
N VAL A 189 -22.83 5.06 -13.41
CA VAL A 189 -23.46 4.36 -14.52
C VAL A 189 -24.81 4.95 -14.91
N THR A 190 -25.01 5.08 -16.21
CA THR A 190 -26.26 5.61 -16.75
C THR A 190 -27.08 4.42 -17.24
N ALA A 191 -26.38 3.39 -17.70
CA ALA A 191 -27.00 2.19 -18.21
C ALA A 191 -26.04 1.01 -18.23
N ILE A 192 -26.56 -0.14 -17.84
CA ILE A 192 -25.80 -1.38 -17.81
C ILE A 192 -26.30 -2.23 -18.97
N ILE A 193 -25.41 -2.59 -19.88
CA ILE A 193 -25.79 -3.45 -21.00
C ILE A 193 -25.31 -4.86 -20.66
N PHE A 194 -26.24 -5.71 -20.22
CA PHE A 194 -25.93 -7.08 -19.85
C PHE A 194 -25.98 -8.03 -21.05
N CYS A 195 -24.83 -8.60 -21.41
CA CYS A 195 -24.77 -9.55 -22.52
C CYS A 195 -24.92 -11.00 -22.09
N VAL A 196 -25.63 -11.77 -22.92
CA VAL A 196 -25.87 -13.18 -22.66
C VAL A 196 -25.69 -13.96 -23.96
N ALA A 197 -24.93 -15.05 -23.90
CA ALA A 197 -24.71 -15.86 -25.09
C ALA A 197 -25.77 -16.95 -25.13
N LEU A 198 -26.86 -16.68 -25.84
CA LEU A 198 -27.96 -17.64 -25.98
C LEU A 198 -27.45 -19.01 -26.32
N SER A 199 -26.53 -19.06 -27.27
CA SER A 199 -25.96 -20.32 -27.75
C SER A 199 -25.28 -21.15 -26.66
N ASP A 200 -25.07 -20.56 -25.49
CA ASP A 200 -24.44 -21.27 -24.37
C ASP A 200 -25.41 -22.21 -23.66
N TYR A 201 -26.67 -22.23 -24.09
CA TYR A 201 -27.68 -23.06 -23.45
C TYR A 201 -27.38 -24.56 -23.47
N ASP A 202 -26.60 -25.01 -24.45
CA ASP A 202 -26.28 -26.43 -24.53
C ASP A 202 -24.91 -26.84 -23.97
N LEU A 203 -24.17 -25.91 -23.37
CA LEU A 203 -22.86 -26.23 -22.85
C LEU A 203 -22.87 -27.20 -21.68
N VAL A 204 -22.10 -28.28 -21.81
CA VAL A 204 -21.98 -29.28 -20.75
C VAL A 204 -21.32 -28.55 -19.59
N LEU A 205 -21.80 -28.80 -18.37
CA LEU A 205 -21.20 -28.11 -17.23
C LEU A 205 -19.83 -28.63 -16.85
N ALA A 206 -18.99 -27.72 -16.37
CA ALA A 206 -17.64 -28.03 -15.97
C ALA A 206 -17.63 -28.89 -14.70
N GLU A 207 -16.44 -29.39 -14.36
CA GLU A 207 -16.29 -30.22 -13.18
C GLU A 207 -16.48 -29.39 -11.91
N ASP A 208 -16.38 -28.07 -12.06
CA ASP A 208 -16.50 -27.17 -10.92
C ASP A 208 -17.86 -26.49 -10.72
N GLU A 209 -18.64 -26.35 -11.79
CA GLU A 209 -19.94 -25.68 -11.69
C GLU A 209 -21.14 -26.46 -11.17
N GLU A 210 -21.88 -25.82 -10.26
CA GLU A 210 -23.08 -26.39 -9.66
C GLU A 210 -24.26 -26.23 -10.62
N MET A 211 -24.28 -25.09 -11.31
CA MET A 211 -25.33 -24.82 -12.27
C MET A 211 -24.69 -24.51 -13.60
N ASN A 212 -25.46 -24.53 -14.68
CA ASN A 212 -24.92 -24.28 -16.01
C ASN A 212 -24.67 -22.81 -16.33
N ARG A 213 -23.95 -22.58 -17.44
CA ARG A 213 -23.60 -21.23 -17.87
C ARG A 213 -24.76 -20.27 -17.88
N MET A 214 -25.88 -20.70 -18.48
CA MET A 214 -27.05 -19.86 -18.56
C MET A 214 -27.55 -19.42 -17.19
N HIS A 215 -27.75 -20.39 -16.28
CA HIS A 215 -28.21 -20.06 -14.94
C HIS A 215 -27.22 -19.25 -14.12
N GLU A 216 -25.93 -19.40 -14.43
CA GLU A 216 -24.92 -18.62 -13.73
C GLU A 216 -25.09 -17.18 -14.20
N SER A 217 -25.36 -17.02 -15.49
CA SER A 217 -25.59 -15.71 -16.08
C SER A 217 -26.91 -15.17 -15.53
N MET A 218 -27.91 -16.03 -15.41
CA MET A 218 -29.20 -15.63 -14.88
C MET A 218 -29.04 -15.08 -13.45
N LYS A 219 -28.25 -15.79 -12.66
CA LYS A 219 -27.99 -15.41 -11.28
C LYS A 219 -27.41 -13.99 -11.24
N LEU A 220 -26.31 -13.78 -11.95
CA LEU A 220 -25.70 -12.45 -11.98
C LEU A 220 -26.71 -11.39 -12.42
N PHE A 221 -27.47 -11.68 -13.48
CA PHE A 221 -28.44 -10.69 -13.94
C PHE A 221 -29.38 -10.33 -12.81
N ASP A 222 -29.92 -11.36 -12.16
CA ASP A 222 -30.83 -11.17 -11.05
C ASP A 222 -30.32 -10.05 -10.11
N SER A 223 -29.10 -10.21 -9.63
CA SER A 223 -28.50 -9.23 -8.72
C SER A 223 -28.41 -7.85 -9.33
N ILE A 224 -27.75 -7.74 -10.48
CA ILE A 224 -27.62 -6.44 -11.13
C ILE A 224 -29.00 -5.79 -11.25
N CYS A 225 -29.94 -6.56 -11.74
CA CYS A 225 -31.29 -6.10 -11.96
C CYS A 225 -31.99 -5.55 -10.73
N ASN A 226 -32.14 -6.39 -9.71
CA ASN A 226 -32.85 -5.98 -8.50
C ASN A 226 -32.00 -5.27 -7.44
N ASN A 227 -30.93 -4.61 -7.87
CA ASN A 227 -30.07 -3.88 -6.93
C ASN A 227 -30.45 -2.41 -6.91
N LYS A 228 -31.07 -1.99 -5.81
CA LYS A 228 -31.54 -0.62 -5.64
C LYS A 228 -30.57 0.45 -6.13
N TRP A 229 -29.28 0.18 -5.99
CA TRP A 229 -28.30 1.15 -6.44
C TRP A 229 -28.48 1.47 -7.94
N PHE A 230 -28.87 0.46 -8.72
CA PHE A 230 -29.04 0.64 -10.16
C PHE A 230 -30.47 0.98 -10.58
N THR A 231 -31.28 1.44 -9.62
CA THR A 231 -32.66 1.80 -9.87
C THR A 231 -32.80 2.71 -11.09
N ASP A 232 -32.32 3.95 -10.99
CA ASP A 232 -32.40 4.90 -12.09
C ASP A 232 -31.48 4.56 -13.26
N THR A 233 -30.76 3.45 -13.14
CA THR A 233 -29.86 3.00 -14.19
C THR A 233 -30.64 2.18 -15.20
N SER A 234 -30.52 2.54 -16.48
CA SER A 234 -31.18 1.85 -17.57
C SER A 234 -30.58 0.46 -17.71
N ILE A 235 -31.40 -0.58 -17.59
CA ILE A 235 -30.90 -1.94 -17.70
C ILE A 235 -31.21 -2.57 -19.06
N ILE A 236 -30.27 -2.50 -20.00
CA ILE A 236 -30.49 -3.09 -21.30
C ILE A 236 -30.01 -4.53 -21.27
N LEU A 237 -30.81 -5.43 -21.81
CA LEU A 237 -30.44 -6.84 -21.84
C LEU A 237 -30.23 -7.27 -23.30
N PHE A 238 -29.02 -7.71 -23.60
CA PHE A 238 -28.69 -8.16 -24.95
C PHE A 238 -28.64 -9.67 -25.00
N LEU A 239 -29.69 -10.29 -25.52
CA LEU A 239 -29.68 -11.75 -25.65
C LEU A 239 -28.99 -11.97 -26.99
N ASN A 240 -27.66 -12.04 -26.90
CA ASN A 240 -26.77 -12.18 -28.04
C ASN A 240 -26.57 -13.59 -28.61
N LYS A 241 -25.86 -13.66 -29.73
CA LYS A 241 -25.57 -14.91 -30.43
C LYS A 241 -26.80 -15.63 -30.93
N LYS A 242 -27.82 -14.89 -31.33
CA LYS A 242 -29.04 -15.49 -31.81
C LYS A 242 -28.84 -16.31 -33.09
N ASP A 243 -27.81 -15.99 -33.85
CA ASP A 243 -27.53 -16.74 -35.08
C ASP A 243 -27.08 -18.16 -34.74
N LEU A 244 -26.17 -18.28 -33.79
CA LEU A 244 -25.67 -19.57 -33.35
C LEU A 244 -26.80 -20.32 -32.65
N PHE A 245 -27.61 -19.57 -31.90
CA PHE A 245 -28.73 -20.17 -31.19
C PHE A 245 -29.68 -20.84 -32.18
N GLU A 246 -30.07 -20.08 -33.20
CA GLU A 246 -30.98 -20.60 -34.21
C GLU A 246 -30.40 -21.84 -34.87
N GLU A 247 -29.10 -21.82 -35.15
CA GLU A 247 -28.44 -22.96 -35.77
C GLU A 247 -28.45 -24.17 -34.84
N LYS A 248 -28.23 -23.92 -33.56
CA LYS A 248 -28.19 -24.97 -32.55
C LYS A 248 -29.53 -25.57 -32.17
N ILE A 249 -30.47 -24.71 -31.77
CA ILE A 249 -31.79 -25.16 -31.32
C ILE A 249 -32.32 -26.27 -32.20
N LYS A 250 -31.85 -26.31 -33.43
CA LYS A 250 -32.28 -27.33 -34.37
C LYS A 250 -31.96 -28.73 -33.85
N LYS A 251 -30.69 -28.97 -33.53
CA LYS A 251 -30.22 -30.27 -33.03
C LYS A 251 -30.27 -30.49 -31.51
N SER A 252 -29.96 -29.47 -30.72
CA SER A 252 -29.96 -29.63 -29.26
C SER A 252 -31.12 -28.94 -28.55
N PRO A 253 -32.00 -29.72 -27.91
CA PRO A 253 -33.16 -29.16 -27.20
C PRO A 253 -32.79 -28.22 -26.06
N LEU A 254 -33.71 -27.29 -25.77
CA LEU A 254 -33.52 -26.33 -24.70
C LEU A 254 -33.66 -27.03 -23.35
N THR A 255 -34.28 -28.21 -23.35
CA THR A 255 -34.45 -28.97 -22.10
C THR A 255 -33.09 -29.32 -21.49
N ILE A 256 -32.04 -29.18 -22.29
CA ILE A 256 -30.67 -29.43 -21.81
C ILE A 256 -30.38 -28.39 -20.73
N CYS A 257 -30.81 -27.16 -20.99
CA CYS A 257 -30.56 -26.05 -20.10
C CYS A 257 -31.69 -25.76 -19.10
N TYR A 258 -32.92 -26.04 -19.51
CA TYR A 258 -34.09 -25.81 -18.67
C TYR A 258 -34.95 -27.07 -18.77
N PRO A 259 -34.61 -28.10 -17.98
CA PRO A 259 -35.36 -29.36 -18.00
C PRO A 259 -36.88 -29.27 -17.94
N GLU A 260 -37.39 -28.22 -17.32
CA GLU A 260 -38.85 -28.08 -17.21
C GLU A 260 -39.51 -27.59 -18.49
N TYR A 261 -38.73 -27.01 -19.40
CA TYR A 261 -39.26 -26.49 -20.65
C TYR A 261 -40.11 -27.53 -21.39
N ALA A 262 -41.30 -27.10 -21.81
CA ALA A 262 -42.22 -28.00 -22.51
C ALA A 262 -42.69 -27.47 -23.87
N GLY A 263 -42.10 -26.35 -24.31
CA GLY A 263 -42.48 -25.77 -25.58
C GLY A 263 -41.91 -26.52 -26.76
N SER A 264 -42.10 -25.97 -27.96
CA SER A 264 -41.56 -26.62 -29.14
C SER A 264 -40.13 -26.17 -29.30
N ASN A 265 -39.39 -26.87 -30.16
CA ASN A 265 -38.01 -26.54 -30.38
C ASN A 265 -37.78 -25.62 -31.56
N THR A 266 -38.50 -24.52 -31.57
CA THR A 266 -38.37 -23.51 -32.62
C THR A 266 -37.53 -22.37 -32.04
N TYR A 267 -36.75 -21.72 -32.88
CA TYR A 267 -35.98 -20.59 -32.44
C TYR A 267 -36.93 -19.66 -31.67
N GLU A 268 -38.13 -19.45 -32.21
CA GLU A 268 -39.14 -18.58 -31.61
C GLU A 268 -39.57 -18.87 -30.16
N GLU A 269 -40.07 -20.07 -29.92
CA GLU A 269 -40.51 -20.44 -28.59
C GLU A 269 -39.38 -20.59 -27.58
N ALA A 270 -38.25 -21.14 -28.02
CA ALA A 270 -37.11 -21.32 -27.13
C ALA A 270 -36.59 -19.95 -26.73
N ALA A 271 -36.43 -19.07 -27.72
CA ALA A 271 -35.96 -17.71 -27.48
C ALA A 271 -36.93 -16.96 -26.57
N ALA A 272 -38.23 -17.09 -26.82
CA ALA A 272 -39.22 -16.42 -25.99
C ALA A 272 -39.10 -16.94 -24.56
N TYR A 273 -38.86 -18.24 -24.42
CA TYR A 273 -38.75 -18.82 -23.10
C TYR A 273 -37.56 -18.21 -22.33
N ILE A 274 -36.39 -18.14 -22.96
CA ILE A 274 -35.21 -17.57 -22.31
C ILE A 274 -35.44 -16.09 -21.98
N GLN A 275 -36.14 -15.35 -22.85
CA GLN A 275 -36.39 -13.95 -22.56
C GLN A 275 -37.21 -13.83 -21.27
N CYS A 276 -38.07 -14.82 -21.02
CA CYS A 276 -38.89 -14.81 -19.82
C CYS A 276 -38.13 -15.22 -18.58
N GLN A 277 -37.25 -16.20 -18.71
CA GLN A 277 -36.45 -16.64 -17.58
C GLN A 277 -35.62 -15.48 -17.02
N PHE A 278 -35.06 -14.66 -17.89
CA PHE A 278 -34.29 -13.52 -17.42
C PHE A 278 -35.19 -12.40 -16.89
N GLU A 279 -36.21 -12.02 -17.66
CA GLU A 279 -37.09 -10.92 -17.23
C GLU A 279 -37.93 -11.22 -15.99
N ASP A 280 -38.23 -12.48 -15.73
CA ASP A 280 -39.01 -12.81 -14.54
C ASP A 280 -38.15 -12.67 -13.31
N LEU A 281 -36.85 -12.54 -13.48
CA LEU A 281 -35.96 -12.39 -12.35
C LEU A 281 -36.22 -11.03 -11.69
N ASN A 282 -36.79 -10.11 -12.46
CA ASN A 282 -37.10 -8.76 -12.00
C ASN A 282 -38.13 -8.77 -10.87
N LYS A 283 -37.75 -8.24 -9.71
CA LYS A 283 -38.64 -8.23 -8.54
C LYS A 283 -39.59 -7.04 -8.49
N ARG A 284 -39.37 -6.06 -9.36
CA ARG A 284 -40.23 -4.88 -9.40
C ARG A 284 -40.65 -4.59 -10.82
N LYS A 285 -41.43 -5.48 -11.41
CA LYS A 285 -41.88 -5.27 -12.79
C LYS A 285 -42.61 -3.95 -12.93
N ASP A 286 -43.04 -3.38 -11.80
CA ASP A 286 -43.74 -2.08 -11.79
C ASP A 286 -42.69 -0.98 -11.69
N THR A 287 -41.82 -1.13 -10.69
CA THR A 287 -40.77 -0.15 -10.46
C THR A 287 -39.85 -0.03 -11.69
N LYS A 288 -39.12 -1.11 -12.03
CA LYS A 288 -38.20 -1.10 -13.16
C LYS A 288 -38.59 -1.87 -14.42
N GLU A 289 -38.02 -1.43 -15.54
CA GLU A 289 -38.26 -2.05 -16.84
C GLU A 289 -36.94 -2.62 -17.38
N ILE A 290 -37.04 -3.74 -18.11
CA ILE A 290 -35.86 -4.35 -18.71
C ILE A 290 -35.92 -4.13 -20.21
N TYR A 291 -34.88 -3.56 -20.79
CA TYR A 291 -34.85 -3.32 -22.22
C TYR A 291 -34.10 -4.42 -22.96
N THR A 292 -34.84 -5.46 -23.35
CA THR A 292 -34.28 -6.63 -24.04
C THR A 292 -34.23 -6.53 -25.57
N HIS A 293 -33.11 -6.95 -26.13
CA HIS A 293 -32.90 -6.98 -27.58
C HIS A 293 -32.19 -8.27 -27.91
N PHE A 294 -32.68 -8.98 -28.92
CA PHE A 294 -32.02 -10.20 -29.37
C PHE A 294 -31.06 -9.66 -30.42
N THR A 295 -29.78 -9.96 -30.29
CA THR A 295 -28.80 -9.43 -31.20
C THR A 295 -27.78 -10.43 -31.72
N CYS A 296 -26.91 -9.91 -32.56
CA CYS A 296 -25.79 -10.63 -33.16
C CYS A 296 -24.61 -9.65 -33.15
N ALA A 297 -23.92 -9.58 -32.01
CA ALA A 297 -22.77 -8.69 -31.80
C ALA A 297 -21.89 -8.47 -33.00
N THR A 298 -21.65 -9.54 -33.75
CA THR A 298 -20.79 -9.48 -34.93
C THR A 298 -21.46 -8.91 -36.18
N ASP A 299 -22.74 -8.58 -36.08
CA ASP A 299 -23.46 -8.02 -37.22
C ASP A 299 -23.54 -6.51 -37.05
N THR A 300 -22.69 -5.78 -37.77
CA THR A 300 -22.66 -4.34 -37.67
C THR A 300 -24.01 -3.67 -37.91
N LYS A 301 -24.75 -4.17 -38.88
CA LYS A 301 -26.05 -3.64 -39.20
C LYS A 301 -26.99 -3.80 -38.00
N ASN A 302 -27.20 -5.02 -37.56
CA ASN A 302 -28.06 -5.27 -36.41
C ASN A 302 -27.65 -4.49 -35.17
N VAL A 303 -26.36 -4.45 -34.87
CA VAL A 303 -25.88 -3.72 -33.70
C VAL A 303 -26.19 -2.24 -33.81
N GLN A 304 -25.89 -1.66 -34.96
CA GLN A 304 -26.16 -0.25 -35.18
C GLN A 304 -27.63 0.01 -34.87
N PHE A 305 -28.49 -0.83 -35.46
CA PHE A 305 -29.92 -0.74 -35.26
C PHE A 305 -30.30 -0.84 -33.79
N VAL A 306 -29.85 -1.90 -33.14
CA VAL A 306 -30.14 -2.14 -31.73
C VAL A 306 -29.59 -1.04 -30.82
N PHE A 307 -28.40 -0.54 -31.11
CA PHE A 307 -27.83 0.50 -30.26
C PHE A 307 -28.54 1.82 -30.50
N ASP A 308 -29.20 1.91 -31.65
CA ASP A 308 -29.93 3.09 -32.01
C ASP A 308 -31.11 3.21 -31.04
N ALA A 309 -31.75 2.07 -30.78
CA ALA A 309 -32.89 2.00 -29.88
C ALA A 309 -32.48 2.20 -28.43
N VAL A 310 -31.36 1.59 -28.03
CA VAL A 310 -30.89 1.73 -26.65
C VAL A 310 -30.75 3.20 -26.30
N THR A 311 -30.20 3.97 -27.24
CA THR A 311 -30.00 5.39 -27.04
C THR A 311 -31.33 6.10 -26.80
N ASP A 312 -32.37 5.76 -27.55
CA ASP A 312 -33.66 6.39 -27.34
C ASP A 312 -34.09 6.19 -25.90
N VAL A 313 -33.91 4.97 -25.41
CA VAL A 313 -34.27 4.66 -24.03
C VAL A 313 -33.42 5.50 -23.07
N ILE A 314 -32.15 5.71 -23.40
CA ILE A 314 -31.28 6.50 -22.55
C ILE A 314 -31.67 7.97 -22.67
N ILE A 315 -31.81 8.43 -23.90
CA ILE A 315 -32.18 9.81 -24.19
C ILE A 315 -33.41 10.26 -23.42
N LYS A 316 -34.36 9.35 -23.20
CA LYS A 316 -35.56 9.75 -22.49
C LYS A 316 -35.75 9.20 -21.08
N ASN A 317 -35.08 8.09 -20.74
CA ASN A 317 -35.21 7.57 -19.38
C ASN A 317 -34.67 8.65 -18.46
N ASN A 318 -33.92 9.58 -19.03
CA ASN A 318 -33.34 10.70 -18.30
C ASN A 318 -34.48 11.72 -18.17
N LEU A 319 -35.69 11.18 -18.03
CA LEU A 319 -36.92 11.98 -17.92
C LEU A 319 -36.78 13.31 -18.64
N LYS A 320 -36.73 13.20 -19.96
CA LYS A 320 -36.61 14.35 -20.87
C LYS A 320 -36.47 13.81 -22.29
N ASP B 1 -19.70 -6.81 -1.96
CA ASP B 1 -20.53 -7.96 -1.52
C ASP B 1 -20.08 -9.20 -2.31
N ILE B 2 -20.86 -10.27 -2.22
CA ILE B 2 -20.56 -11.49 -2.96
C ILE B 2 -20.75 -11.12 -4.42
N GLU B 3 -21.44 -10.00 -4.62
CA GLU B 3 -21.70 -9.46 -5.95
C GLU B 3 -20.36 -9.36 -6.69
N GLY B 4 -19.35 -8.84 -6.00
CA GLY B 4 -18.04 -8.73 -6.59
C GLY B 4 -17.53 -10.10 -6.98
N LEU B 5 -17.86 -11.10 -6.17
CA LEU B 5 -17.43 -12.46 -6.45
C LEU B 5 -18.05 -12.96 -7.73
N VAL B 6 -19.38 -13.02 -7.74
CA VAL B 6 -20.16 -13.47 -8.89
C VAL B 6 -19.71 -12.87 -10.21
N GLU B 7 -19.48 -11.57 -10.24
CA GLU B 7 -19.03 -10.92 -11.47
C GLU B 7 -17.67 -11.40 -11.91
N LEU B 8 -16.82 -11.68 -10.92
CA LEU B 8 -15.48 -12.16 -11.20
C LEU B 8 -15.52 -13.64 -11.58
N LEU B 9 -16.59 -14.33 -11.20
CA LEU B 9 -16.72 -15.74 -11.51
C LEU B 9 -17.38 -15.99 -12.87
N ASN B 10 -18.24 -15.07 -13.30
CA ASN B 10 -18.95 -15.26 -14.56
C ASN B 10 -18.24 -14.67 -15.75
N ARG B 11 -17.61 -13.52 -15.53
CA ARG B 11 -16.95 -12.85 -16.61
C ARG B 11 -15.51 -13.26 -16.76
N VAL B 12 -15.03 -14.03 -15.80
CA VAL B 12 -13.65 -14.49 -15.85
C VAL B 12 -13.62 -15.96 -16.19
N GLN B 13 -14.10 -16.79 -15.28
CA GLN B 13 -14.11 -18.25 -15.47
C GLN B 13 -14.45 -18.73 -16.89
N SER B 14 -15.15 -17.89 -17.67
CA SER B 14 -15.52 -18.26 -19.04
C SER B 14 -14.59 -17.66 -20.07
N SER B 15 -13.80 -16.67 -19.66
CA SER B 15 -12.84 -16.07 -20.57
C SER B 15 -11.87 -17.19 -20.91
N GLY B 16 -11.98 -18.28 -20.15
CA GLY B 16 -11.15 -19.45 -20.38
C GLY B 16 -11.65 -20.15 -21.63
N ALA B 17 -12.93 -19.93 -21.95
CA ALA B 17 -13.53 -20.51 -23.15
C ALA B 17 -12.68 -20.03 -24.30
N HIS B 18 -11.67 -19.24 -23.96
CA HIS B 18 -10.75 -18.74 -24.95
C HIS B 18 -9.28 -18.67 -24.55
N ASP B 19 -8.68 -19.81 -24.23
CA ASP B 19 -7.24 -19.79 -23.94
C ASP B 19 -6.75 -19.39 -25.32
N GLN B 20 -7.74 -19.32 -26.21
CA GLN B 20 -7.65 -18.96 -27.61
C GLN B 20 -7.82 -17.44 -27.79
N ARG B 21 -6.88 -16.68 -27.24
CA ARG B 21 -6.95 -15.22 -27.36
C ARG B 21 -5.55 -14.62 -27.40
N GLY B 22 -5.40 -13.48 -28.08
CA GLY B 22 -4.11 -12.81 -28.19
C GLY B 22 -3.21 -13.49 -29.21
N LEU B 23 -1.94 -13.07 -29.27
CA LEU B 23 -1.01 -13.69 -30.22
C LEU B 23 -0.54 -15.01 -29.67
N LEU B 24 0.00 -15.85 -30.56
CA LEU B 24 0.47 -17.19 -30.20
C LEU B 24 1.60 -17.19 -29.18
N ARG B 25 1.43 -17.95 -28.11
CA ARG B 25 2.44 -18.04 -27.03
C ARG B 25 2.79 -19.48 -26.68
N LYS B 26 4.07 -19.72 -26.38
CA LYS B 26 4.59 -21.05 -26.04
C LYS B 26 3.64 -21.96 -25.23
N GLU B 27 2.87 -21.36 -24.33
CA GLU B 27 1.93 -22.13 -23.51
C GLU B 27 0.91 -22.87 -24.36
N ASP B 28 0.29 -22.15 -25.30
CA ASP B 28 -0.73 -22.74 -26.16
C ASP B 28 -0.19 -23.70 -27.21
N LEU B 29 1.10 -24.01 -27.14
CA LEU B 29 1.71 -24.90 -28.13
C LEU B 29 2.12 -26.27 -27.60
N VAL B 30 2.10 -26.42 -26.28
CA VAL B 30 2.45 -27.71 -25.67
C VAL B 30 1.68 -28.82 -26.37
N LEU B 31 2.41 -29.72 -27.03
CA LEU B 31 1.77 -30.81 -27.77
C LEU B 31 0.88 -31.68 -26.87
N PRO B 32 -0.35 -31.95 -27.32
CA PRO B 32 -1.31 -32.76 -26.55
C PRO B 32 -0.81 -34.15 -26.18
N GLU B 33 -1.13 -34.56 -24.95
CA GLU B 33 -0.74 -35.86 -24.42
C GLU B 33 -0.92 -37.04 -25.37
N PHE B 34 -2.10 -37.15 -26.01
CA PHE B 34 -2.31 -38.26 -26.93
C PHE B 34 -1.33 -38.09 -28.09
N LEU B 35 -0.26 -37.38 -27.78
CA LEU B 35 0.88 -37.08 -28.63
C LEU B 35 0.78 -37.56 -30.07
N GLY C 1 27.55 29.68 -5.09
CA GLY C 1 28.42 29.09 -4.03
C GLY C 1 27.72 27.98 -3.27
N ALA C 2 28.52 27.19 -2.55
CA ALA C 2 28.00 26.07 -1.75
C ALA C 2 28.17 26.38 -0.25
N ARG C 3 27.28 27.22 0.26
CA ARG C 3 27.32 27.61 1.66
C ARG C 3 27.58 26.47 2.64
N GLU C 4 28.12 26.85 3.79
CA GLU C 4 28.43 25.92 4.85
C GLU C 4 27.68 26.48 6.05
N VAL C 5 26.91 25.64 6.73
CA VAL C 5 26.12 26.08 7.88
C VAL C 5 26.62 25.46 9.18
N LYS C 6 26.99 26.32 10.13
CA LYS C 6 27.49 25.88 11.42
C LYS C 6 26.42 26.00 12.51
N LEU C 7 25.99 24.84 13.02
CA LEU C 7 24.98 24.80 14.07
C LEU C 7 25.60 24.29 15.38
N LEU C 8 25.33 24.99 16.47
CA LEU C 8 25.85 24.59 17.77
C LEU C 8 24.67 24.28 18.69
N LEU C 9 24.65 23.07 19.25
CA LEU C 9 23.58 22.65 20.16
C LEU C 9 23.99 22.96 21.59
N LEU C 10 23.14 23.64 22.33
CA LEU C 10 23.42 23.96 23.74
C LEU C 10 22.22 23.48 24.55
N GLY C 11 22.33 23.50 25.87
CA GLY C 11 21.23 23.06 26.70
C GLY C 11 21.61 22.09 27.80
N ALA C 12 20.86 22.13 28.90
CA ALA C 12 21.10 21.26 30.04
C ALA C 12 21.22 19.79 29.65
N GLY C 13 22.01 19.03 30.41
CA GLY C 13 22.14 17.62 30.10
C GLY C 13 20.76 17.00 30.22
N GLU C 14 20.46 16.06 29.33
CA GLU C 14 19.17 15.35 29.29
C GLU C 14 18.10 16.07 28.45
N SER C 15 18.40 17.27 27.96
CA SER C 15 17.44 18.02 27.16
C SER C 15 17.22 17.50 25.73
N GLY C 16 18.09 16.63 25.25
CA GLY C 16 17.89 16.08 23.92
C GLY C 16 18.91 16.34 22.83
N LYS C 17 19.95 17.12 23.11
CA LYS C 17 20.96 17.45 22.11
C LYS C 17 21.47 16.23 21.36
N SER C 18 22.05 15.31 22.12
CA SER C 18 22.62 14.08 21.57
C SER C 18 21.66 13.33 20.65
N THR C 19 20.42 13.15 21.10
CA THR C 19 19.44 12.46 20.26
C THR C 19 19.29 13.21 18.92
N ILE C 20 19.35 14.54 18.95
CA ILE C 20 19.21 15.35 17.75
C ILE C 20 20.33 15.08 16.75
N VAL C 21 21.54 14.90 17.26
CA VAL C 21 22.70 14.61 16.43
C VAL C 21 22.53 13.26 15.76
N LYS C 22 21.99 12.30 16.51
CA LYS C 22 21.75 10.96 15.96
C LYS C 22 20.60 11.02 14.97
N GLN C 23 19.64 11.90 15.22
CA GLN C 23 18.49 12.07 14.32
C GLN C 23 18.93 12.60 12.98
N MET C 24 20.02 13.36 12.98
CA MET C 24 20.53 13.89 11.72
C MET C 24 21.14 12.75 10.91
N LYS C 25 21.98 11.93 11.53
CA LYS C 25 22.60 10.81 10.84
C LYS C 25 21.55 9.88 10.27
N ILE C 26 20.38 9.83 10.90
CA ILE C 26 19.31 8.97 10.42
C ILE C 26 18.62 9.57 9.21
N ILE C 27 18.20 10.81 9.34
CA ILE C 27 17.48 11.51 8.27
C ILE C 27 18.36 11.98 7.11
N HIS C 28 19.23 12.93 7.37
CA HIS C 28 20.09 13.49 6.33
C HIS C 28 21.43 12.79 6.10
N GLU C 29 21.57 11.55 6.55
CA GLU C 29 22.83 10.83 6.35
C GLU C 29 22.61 9.37 5.99
N ALA C 30 23.69 8.60 6.09
CA ALA C 30 23.65 7.17 5.79
C ALA C 30 22.63 6.51 6.70
N GLY C 31 22.83 6.65 8.00
CA GLY C 31 21.94 6.07 8.98
C GLY C 31 22.71 5.09 9.84
N TYR C 32 22.05 4.03 10.28
CA TYR C 32 22.69 3.02 11.09
C TYR C 32 22.51 1.65 10.46
N SER C 33 23.56 1.16 9.81
CA SER C 33 23.54 -0.15 9.15
C SER C 33 23.40 -1.27 10.17
N GLU C 34 22.73 -2.35 9.77
CA GLU C 34 22.56 -3.50 10.65
C GLU C 34 23.91 -3.95 11.21
N GLU C 35 24.94 -3.86 10.36
CA GLU C 35 26.29 -4.26 10.76
C GLU C 35 26.81 -3.32 11.85
N GLU C 36 26.11 -2.21 12.05
CA GLU C 36 26.48 -1.22 13.07
C GLU C 36 25.58 -1.31 14.30
N CYS C 37 24.28 -1.47 14.06
CA CYS C 37 23.31 -1.58 15.15
C CYS C 37 23.72 -2.56 16.24
N LYS C 38 24.36 -3.66 15.84
CA LYS C 38 24.78 -4.69 16.79
C LYS C 38 25.77 -4.21 17.84
N GLN C 39 26.49 -3.15 17.52
CA GLN C 39 27.47 -2.61 18.46
C GLN C 39 26.77 -2.05 19.69
N TYR C 40 25.61 -1.46 19.45
CA TYR C 40 24.85 -0.85 20.52
C TYR C 40 24.18 -1.83 21.48
N LYS C 41 24.26 -3.11 21.17
CA LYS C 41 23.67 -4.10 22.05
C LYS C 41 24.34 -3.99 23.41
N ALA C 42 25.66 -3.92 23.41
CA ALA C 42 26.39 -3.82 24.66
C ALA C 42 25.81 -2.69 25.50
N VAL C 43 25.55 -1.55 24.85
CA VAL C 43 25.00 -0.35 25.49
C VAL C 43 23.49 -0.42 25.77
N VAL C 44 22.75 -1.18 24.97
CA VAL C 44 21.32 -1.31 25.22
C VAL C 44 21.17 -2.03 26.56
N TYR C 45 21.90 -3.12 26.73
CA TYR C 45 21.84 -3.90 27.96
C TYR C 45 22.42 -3.13 29.14
N SER C 46 23.46 -2.35 28.88
CA SER C 46 24.08 -1.57 29.94
C SER C 46 23.10 -0.54 30.46
N ASN C 47 22.41 0.13 29.54
CA ASN C 47 21.43 1.16 29.89
C ASN C 47 20.22 0.57 30.62
N THR C 48 19.83 -0.65 30.24
CA THR C 48 18.70 -1.30 30.88
C THR C 48 19.01 -1.59 32.35
N ILE C 49 20.16 -2.19 32.59
CA ILE C 49 20.62 -2.54 33.93
C ILE C 49 20.79 -1.28 34.77
N GLN C 50 21.40 -0.25 34.19
CA GLN C 50 21.61 1.00 34.90
C GLN C 50 20.28 1.61 35.27
N SER C 51 19.28 1.41 34.42
CA SER C 51 17.95 1.95 34.67
C SER C 51 17.31 1.22 35.84
N ILE C 52 17.20 -0.10 35.72
CA ILE C 52 16.59 -0.88 36.78
C ILE C 52 17.31 -0.61 38.10
N ILE C 53 18.65 -0.59 38.06
CA ILE C 53 19.43 -0.31 39.25
C ILE C 53 19.10 1.07 39.84
N ALA C 54 18.99 2.08 38.98
CA ALA C 54 18.68 3.43 39.44
C ALA C 54 17.40 3.42 40.28
N ILE C 55 16.34 2.80 39.76
CA ILE C 55 15.09 2.73 40.49
C ILE C 55 15.31 2.02 41.84
N ILE C 56 16.07 0.93 41.81
CA ILE C 56 16.36 0.18 43.02
C ILE C 56 16.98 1.10 44.07
N ARG C 57 18.05 1.79 43.70
CA ARG C 57 18.72 2.72 44.63
C ARG C 57 17.66 3.62 45.25
N ALA C 58 16.93 4.32 44.39
CA ALA C 58 15.89 5.23 44.82
C ALA C 58 14.94 4.64 45.89
N MET C 59 14.48 3.41 45.68
CA MET C 59 13.58 2.77 46.65
C MET C 59 14.16 2.86 48.06
N GLY C 60 15.48 2.71 48.15
CA GLY C 60 16.13 2.80 49.44
C GLY C 60 15.97 4.18 50.03
N ARG C 61 16.35 5.20 49.27
CA ARG C 61 16.26 6.58 49.73
C ARG C 61 14.84 7.08 50.01
N LEU C 62 13.89 6.71 49.16
CA LEU C 62 12.50 7.15 49.36
C LEU C 62 11.81 6.16 50.29
N LYS C 63 12.60 5.19 50.75
CA LYS C 63 12.15 4.12 51.63
C LYS C 63 10.83 3.51 51.18
N ILE C 64 10.92 2.66 50.16
CA ILE C 64 9.76 1.99 49.59
C ILE C 64 10.06 0.49 49.59
N ASP C 65 9.27 -0.28 50.33
CA ASP C 65 9.47 -1.73 50.40
C ASP C 65 8.92 -2.37 49.13
N PHE C 66 9.41 -3.56 48.81
CA PHE C 66 8.94 -4.26 47.63
C PHE C 66 7.50 -4.71 47.89
N GLY C 67 6.64 -4.52 46.90
CA GLY C 67 5.26 -4.91 47.03
C GLY C 67 5.15 -6.42 47.09
N ASP C 68 6.27 -7.07 47.39
CA ASP C 68 6.35 -8.52 47.50
C ASP C 68 7.75 -8.91 47.99
N SER C 69 7.89 -8.96 49.31
CA SER C 69 9.15 -9.28 49.97
C SER C 69 10.15 -10.15 49.23
N ALA C 70 9.68 -11.11 48.45
CA ALA C 70 10.59 -12.00 47.73
C ALA C 70 11.55 -11.22 46.81
N ARG C 71 11.03 -10.15 46.20
CA ARG C 71 11.81 -9.31 45.30
C ARG C 71 13.18 -8.89 45.84
N ALA C 72 13.27 -8.77 47.16
CA ALA C 72 14.51 -8.35 47.82
C ALA C 72 15.76 -9.11 47.40
N ASP C 73 15.72 -10.44 47.46
CA ASP C 73 16.88 -11.24 47.09
C ASP C 73 17.23 -11.00 45.62
N ASP C 74 16.18 -10.81 44.81
CA ASP C 74 16.34 -10.56 43.39
C ASP C 74 17.18 -9.30 43.17
N ALA C 75 16.87 -8.25 43.92
CA ALA C 75 17.60 -6.99 43.81
C ALA C 75 19.09 -7.14 44.12
N ARG C 76 19.44 -8.07 45.01
CA ARG C 76 20.85 -8.27 45.34
C ARG C 76 21.51 -9.10 44.26
N GLN C 77 20.77 -10.07 43.75
CA GLN C 77 21.27 -10.94 42.70
C GLN C 77 21.59 -10.07 41.48
N LEU C 78 20.66 -9.17 41.13
CA LEU C 78 20.84 -8.27 39.99
C LEU C 78 22.25 -7.68 40.01
N PHE C 79 22.62 -7.11 41.15
CA PHE C 79 23.94 -6.51 41.33
C PHE C 79 25.06 -7.53 41.12
N VAL C 80 24.81 -8.78 41.50
CA VAL C 80 25.81 -9.83 41.31
C VAL C 80 25.93 -10.13 39.81
N LEU C 81 24.84 -10.64 39.23
CA LEU C 81 24.79 -10.97 37.81
C LEU C 81 25.33 -9.86 36.91
N ALA C 82 24.89 -8.62 37.17
CA ALA C 82 25.34 -7.48 36.39
C ALA C 82 26.87 -7.44 36.27
N GLY C 83 27.55 -7.30 37.41
CA GLY C 83 29.01 -7.24 37.40
C GLY C 83 29.65 -8.40 36.67
N ALA C 84 28.98 -9.54 36.66
CA ALA C 84 29.51 -10.73 36.01
C ALA C 84 28.94 -10.88 34.61
N ALA C 85 28.05 -9.97 34.24
CA ALA C 85 27.43 -10.01 32.91
C ALA C 85 28.48 -9.83 31.83
N GLU C 86 28.28 -10.49 30.71
CA GLU C 86 29.19 -10.38 29.59
C GLU C 86 28.47 -9.58 28.51
N GLU C 87 28.94 -8.35 28.31
CA GLU C 87 28.36 -7.40 27.38
C GLU C 87 28.04 -7.90 25.98
N GLY C 88 26.99 -7.32 25.41
CA GLY C 88 26.56 -7.71 24.08
C GLY C 88 25.74 -8.98 24.21
N PHE C 89 25.62 -9.45 25.44
CA PHE C 89 24.86 -10.65 25.70
C PHE C 89 24.27 -10.67 27.10
N MET C 90 22.99 -10.99 27.18
CA MET C 90 22.28 -11.05 28.44
C MET C 90 21.77 -12.48 28.64
N THR C 91 22.00 -13.03 29.83
CA THR C 91 21.58 -14.40 30.13
C THR C 91 20.11 -14.46 30.48
N ALA C 92 19.51 -15.64 30.31
CA ALA C 92 18.11 -15.83 30.63
C ALA C 92 17.91 -15.57 32.12
N GLU C 93 18.88 -15.98 32.93
CA GLU C 93 18.81 -15.78 34.37
C GLU C 93 18.60 -14.30 34.66
N LEU C 94 19.48 -13.47 34.09
CA LEU C 94 19.41 -12.03 34.28
C LEU C 94 18.10 -11.41 33.77
N ALA C 95 17.68 -11.78 32.57
CA ALA C 95 16.44 -11.25 32.00
C ALA C 95 15.30 -11.33 33.00
N GLY C 96 15.21 -12.47 33.67
CA GLY C 96 14.15 -12.68 34.65
C GLY C 96 14.29 -11.90 35.93
N VAL C 97 15.51 -11.83 36.47
CA VAL C 97 15.73 -11.07 37.68
C VAL C 97 15.24 -9.63 37.46
N ILE C 98 15.52 -9.12 36.26
CA ILE C 98 15.12 -7.77 35.87
C ILE C 98 13.62 -7.66 35.65
N LYS C 99 13.06 -8.55 34.84
CA LYS C 99 11.63 -8.52 34.55
C LYS C 99 10.77 -8.75 35.78
N ARG C 100 11.30 -9.53 36.72
CA ARG C 100 10.61 -9.84 37.95
C ARG C 100 10.53 -8.58 38.80
N LEU C 101 11.64 -7.84 38.87
CA LEU C 101 11.72 -6.61 39.64
C LEU C 101 10.86 -5.53 39.00
N TRP C 102 11.01 -5.37 37.70
CA TRP C 102 10.25 -4.36 36.97
C TRP C 102 8.76 -4.53 37.23
N LYS C 103 8.35 -5.75 37.57
CA LYS C 103 6.95 -6.06 37.84
C LYS C 103 6.54 -5.82 39.28
N ASP C 104 7.49 -5.90 40.18
CA ASP C 104 7.19 -5.69 41.59
C ASP C 104 6.40 -4.40 41.73
N SER C 105 5.28 -4.48 42.44
CA SER C 105 4.42 -3.32 42.65
C SER C 105 5.17 -2.24 43.42
N GLY C 106 6.17 -2.64 44.19
CA GLY C 106 6.96 -1.67 44.94
C GLY C 106 7.84 -0.91 43.98
N VAL C 107 8.65 -1.65 43.22
CA VAL C 107 9.55 -1.06 42.23
C VAL C 107 8.81 -0.07 41.34
N GLN C 108 7.54 -0.34 41.10
CA GLN C 108 6.73 0.54 40.25
C GLN C 108 6.30 1.77 41.05
N ALA C 109 5.93 1.55 42.31
CA ALA C 109 5.53 2.66 43.16
C ALA C 109 6.67 3.66 43.06
N CYS C 110 7.89 3.16 43.21
CA CYS C 110 9.06 4.03 43.12
C CYS C 110 9.24 4.59 41.72
N PHE C 111 9.04 3.76 40.69
CA PHE C 111 9.18 4.21 39.32
C PHE C 111 8.24 5.37 39.05
N ASN C 112 7.00 5.26 39.51
CA ASN C 112 6.02 6.33 39.29
C ASN C 112 6.36 7.61 40.05
N ARG C 113 7.32 7.53 40.97
CA ARG C 113 7.74 8.70 41.72
C ARG C 113 9.13 9.11 41.21
N SER C 114 9.46 8.75 39.98
CA SER C 114 10.78 9.05 39.43
C SER C 114 11.16 10.54 39.43
N ARG C 115 10.16 11.41 39.39
CA ARG C 115 10.42 12.85 39.41
C ARG C 115 11.14 13.27 40.69
N GLU C 116 11.28 12.35 41.64
CA GLU C 116 11.94 12.67 42.90
C GLU C 116 13.43 12.38 42.93
N TYR C 117 13.95 11.86 41.84
CA TYR C 117 15.38 11.58 41.71
C TYR C 117 15.70 11.68 40.22
N GLN C 118 16.86 11.19 39.82
CA GLN C 118 17.21 11.27 38.42
C GLN C 118 17.16 9.90 37.74
N LEU C 119 16.22 9.75 36.81
CA LEU C 119 16.05 8.51 36.09
C LEU C 119 16.01 8.83 34.61
N ASN C 120 16.99 8.35 33.87
CA ASN C 120 17.07 8.61 32.44
C ASN C 120 15.75 8.23 31.77
N ASP C 121 15.32 9.08 30.83
CA ASP C 121 14.07 8.87 30.12
C ASP C 121 14.08 7.73 29.09
N SER C 122 14.93 6.73 29.30
CA SER C 122 14.97 5.59 28.37
C SER C 122 14.70 4.31 29.13
N ALA C 123 14.63 4.43 30.46
CA ALA C 123 14.40 3.27 31.30
C ALA C 123 13.14 2.50 30.91
N ALA C 124 11.98 3.12 31.06
CA ALA C 124 10.73 2.46 30.73
C ALA C 124 10.78 1.86 29.33
N TYR C 125 11.39 2.60 28.40
CA TYR C 125 11.49 2.15 27.01
C TYR C 125 12.05 0.72 26.91
N TYR C 126 13.26 0.52 27.42
CA TYR C 126 13.91 -0.77 27.38
C TYR C 126 13.24 -1.81 28.27
N LEU C 127 13.01 -1.45 29.54
CA LEU C 127 12.39 -2.37 30.50
C LEU C 127 11.09 -2.97 29.99
N ASN C 128 10.21 -2.13 29.44
CA ASN C 128 8.95 -2.63 28.92
C ASN C 128 9.18 -3.44 27.64
N ASP C 129 10.40 -3.40 27.12
CA ASP C 129 10.76 -4.15 25.91
C ASP C 129 11.71 -5.31 26.23
N LEU C 130 11.77 -5.72 27.49
CA LEU C 130 12.65 -6.80 27.89
C LEU C 130 12.54 -8.05 27.03
N ASP C 131 11.32 -8.56 26.89
CA ASP C 131 11.10 -9.76 26.11
C ASP C 131 11.77 -9.76 24.74
N ARG C 132 12.02 -8.58 24.19
CA ARG C 132 12.65 -8.48 22.88
C ARG C 132 14.14 -8.22 22.97
N ILE C 133 14.51 -7.36 23.90
CA ILE C 133 15.89 -6.98 24.09
C ILE C 133 16.75 -8.13 24.59
N ALA C 134 16.24 -8.84 25.58
CA ALA C 134 16.98 -9.93 26.22
C ALA C 134 17.17 -11.22 25.42
N GLN C 135 16.48 -11.36 24.29
CA GLN C 135 16.63 -12.56 23.48
C GLN C 135 18.01 -12.65 22.83
N PRO C 136 18.67 -13.80 22.93
CA PRO C 136 20.01 -14.07 22.39
C PRO C 136 20.25 -13.67 20.94
N ASN C 137 19.19 -13.63 20.15
CA ASN C 137 19.32 -13.28 18.75
C ASN C 137 19.06 -11.79 18.54
N TYR C 138 18.84 -11.07 19.64
CA TYR C 138 18.54 -9.64 19.59
C TYR C 138 19.43 -8.81 18.69
N ILE C 139 18.78 -7.90 17.95
CA ILE C 139 19.45 -6.98 17.06
C ILE C 139 18.76 -5.63 17.24
N PRO C 140 19.48 -4.64 17.81
CA PRO C 140 18.95 -3.30 18.08
C PRO C 140 18.31 -2.67 16.84
N THR C 141 17.15 -2.05 17.03
CA THR C 141 16.48 -1.41 15.90
C THR C 141 16.80 0.07 15.85
N GLN C 142 16.42 0.68 14.73
CA GLN C 142 16.62 2.10 14.48
C GLN C 142 16.33 2.86 15.77
N GLN C 143 15.11 2.69 16.27
CA GLN C 143 14.66 3.35 17.48
C GLN C 143 15.58 3.02 18.66
N ASP C 144 15.81 1.72 18.88
CA ASP C 144 16.65 1.28 19.97
C ASP C 144 17.99 2.00 20.01
N VAL C 145 18.58 2.24 18.84
CA VAL C 145 19.87 2.94 18.81
C VAL C 145 19.67 4.38 19.28
N LEU C 146 18.62 5.04 18.77
CA LEU C 146 18.31 6.41 19.15
C LEU C 146 18.18 6.60 20.64
N ARG C 147 17.59 5.60 21.30
CA ARG C 147 17.38 5.67 22.74
C ARG C 147 18.62 5.38 23.59
N THR C 148 19.69 4.86 22.98
CA THR C 148 20.90 4.55 23.73
C THR C 148 21.50 5.82 24.34
N ARG C 149 22.42 5.65 25.28
CA ARG C 149 23.08 6.77 25.92
C ARG C 149 24.55 6.41 26.02
N VAL C 150 25.38 7.00 25.16
CA VAL C 150 26.80 6.72 25.11
C VAL C 150 27.74 7.74 25.76
N LYS C 151 29.04 7.62 25.44
CA LYS C 151 30.12 8.47 25.97
C LYS C 151 30.32 9.82 25.24
N THR C 152 30.10 10.92 25.96
CA THR C 152 30.26 12.25 25.37
C THR C 152 31.66 12.85 25.56
N THR C 153 32.69 12.17 25.02
CA THR C 153 34.06 12.65 25.11
C THR C 153 34.40 13.61 23.98
N GLY C 154 35.06 14.71 24.33
CA GLY C 154 35.41 15.70 23.32
C GLY C 154 34.15 16.37 22.81
N ILE C 155 34.24 16.94 21.62
CA ILE C 155 33.08 17.60 21.03
C ILE C 155 32.51 16.68 19.95
N VAL C 156 31.22 16.39 20.05
CA VAL C 156 30.56 15.55 19.07
C VAL C 156 30.18 16.43 17.90
N GLU C 157 30.32 15.89 16.69
CA GLU C 157 29.98 16.64 15.49
C GLU C 157 29.55 15.71 14.36
N THR C 158 28.65 16.20 13.52
CA THR C 158 28.18 15.43 12.37
C THR C 158 28.06 16.38 11.21
N HIS C 159 28.27 15.85 10.01
CA HIS C 159 28.18 16.67 8.81
C HIS C 159 27.12 16.02 7.93
N PHE C 160 26.37 16.83 7.22
CA PHE C 160 25.36 16.29 6.34
C PHE C 160 24.90 17.35 5.39
N THR C 161 24.53 16.93 4.19
CA THR C 161 24.05 17.83 3.16
C THR C 161 22.55 17.82 3.18
N PHE C 162 21.94 18.97 2.91
CA PHE C 162 20.49 19.05 2.89
C PHE C 162 20.08 20.30 2.16
N LYS C 163 19.23 20.15 1.16
CA LYS C 163 18.79 21.28 0.36
C LYS C 163 20.00 22.08 -0.09
N ASP C 164 20.95 21.36 -0.69
CA ASP C 164 22.19 21.96 -1.21
C ASP C 164 22.98 22.76 -0.19
N LEU C 165 22.95 22.32 1.06
CA LEU C 165 23.70 22.98 2.12
C LEU C 165 24.60 21.97 2.80
N HIS C 166 25.73 22.44 3.30
CA HIS C 166 26.65 21.57 4.01
C HIS C 166 26.54 21.91 5.48
N PHE C 167 25.94 21.00 6.25
CA PHE C 167 25.75 21.25 7.66
C PHE C 167 26.81 20.70 8.61
N LYS C 168 27.17 21.53 9.58
CA LYS C 168 28.13 21.16 10.59
C LYS C 168 27.41 21.35 11.92
N MET C 169 27.02 20.26 12.57
CA MET C 169 26.32 20.33 13.84
C MET C 169 27.26 19.94 15.00
N PHE C 170 27.52 20.88 15.89
CA PHE C 170 28.40 20.68 17.04
C PHE C 170 27.64 20.48 18.35
N ASP C 171 28.16 19.62 19.22
CA ASP C 171 27.53 19.38 20.50
C ASP C 171 28.50 19.06 21.61
N VAL C 172 28.67 20.01 22.53
CA VAL C 172 29.53 19.82 23.68
C VAL C 172 28.61 19.13 24.72
N GLY C 173 28.69 19.51 25.99
CA GLY C 173 27.81 18.89 26.98
C GLY C 173 28.38 17.69 27.68
N GLY C 174 28.94 17.92 28.86
CA GLY C 174 29.56 16.87 29.63
C GLY C 174 31.02 17.26 29.71
N GLN C 175 31.55 17.63 28.55
CA GLN C 175 32.92 18.09 28.44
C GLN C 175 33.07 19.41 29.17
N ARG C 176 33.81 19.42 30.29
CA ARG C 176 34.02 20.67 31.02
C ARG C 176 34.89 21.58 30.15
N SER C 177 34.83 21.41 28.84
CA SER C 177 35.58 22.22 27.92
C SER C 177 35.99 23.56 28.54
N GLU C 178 37.24 23.92 28.34
CA GLU C 178 37.74 25.17 28.88
C GLU C 178 37.42 26.34 27.96
N ARG C 179 37.63 27.56 28.46
CA ARG C 179 37.35 28.78 27.72
C ARG C 179 37.68 28.79 26.23
N LYS C 180 38.83 28.25 25.84
CA LYS C 180 39.25 28.22 24.44
C LYS C 180 38.22 27.50 23.58
N LYS C 181 38.04 26.21 23.88
CA LYS C 181 37.10 25.38 23.15
C LYS C 181 35.79 26.12 22.94
N TRP C 182 35.18 26.54 24.04
CA TRP C 182 33.92 27.24 23.95
C TRP C 182 33.98 28.45 23.03
N ILE C 183 34.99 29.28 23.18
CA ILE C 183 35.08 30.45 22.30
C ILE C 183 35.05 29.99 20.84
N HIS C 184 35.86 28.98 20.53
CA HIS C 184 35.90 28.49 19.17
C HIS C 184 34.57 27.93 18.73
N CYS C 185 33.82 27.38 19.67
CA CYS C 185 32.50 26.84 19.33
C CYS C 185 31.51 27.94 18.99
N PHE C 186 31.62 29.08 19.65
CA PHE C 186 30.73 30.21 19.43
C PHE C 186 31.15 31.08 18.25
N GLU C 187 32.41 30.97 17.86
CA GLU C 187 32.94 31.77 16.74
C GLU C 187 32.10 31.54 15.48
N GLY C 188 31.55 32.63 14.95
CA GLY C 188 30.74 32.60 13.73
C GLY C 188 29.88 31.38 13.44
N VAL C 189 28.88 31.12 14.28
CA VAL C 189 27.99 29.98 14.05
C VAL C 189 26.71 30.50 13.44
N THR C 190 26.15 29.77 12.48
CA THR C 190 24.91 30.21 11.86
C THR C 190 23.84 30.37 12.94
N ALA C 191 23.57 29.29 13.65
CA ALA C 191 22.56 29.34 14.69
C ALA C 191 22.84 28.39 15.84
N ILE C 192 22.37 28.79 17.02
CA ILE C 192 22.50 27.99 18.24
C ILE C 192 21.16 27.30 18.47
N ILE C 193 21.10 25.99 18.36
CA ILE C 193 19.85 25.29 18.59
C ILE C 193 19.76 24.95 20.08
N PHE C 194 19.08 25.79 20.84
CA PHE C 194 18.93 25.57 22.28
C PHE C 194 17.88 24.53 22.62
N CYS C 195 18.27 23.51 23.39
CA CYS C 195 17.34 22.46 23.77
C CYS C 195 16.91 22.53 25.23
N VAL C 196 15.60 22.41 25.44
CA VAL C 196 15.03 22.45 26.78
C VAL C 196 14.13 21.23 26.93
N ALA C 197 14.24 20.54 28.05
CA ALA C 197 13.38 19.39 28.28
C ALA C 197 12.14 19.91 28.99
N LEU C 198 11.02 19.93 28.27
CA LEU C 198 9.76 20.43 28.82
C LEU C 198 9.34 19.61 30.02
N SER C 199 9.53 18.30 29.92
CA SER C 199 9.16 17.38 30.98
C SER C 199 9.96 17.53 32.26
N ASP C 200 11.01 18.35 32.24
CA ASP C 200 11.79 18.54 33.45
C ASP C 200 11.10 19.44 34.47
N TYR C 201 10.01 20.08 34.07
CA TYR C 201 9.29 21.01 34.96
C TYR C 201 8.85 20.46 36.31
N ASP C 202 8.61 19.16 36.40
CA ASP C 202 8.14 18.57 37.65
C ASP C 202 9.19 17.81 38.44
N LEU C 203 10.46 17.98 38.08
CA LEU C 203 11.53 17.29 38.79
C LEU C 203 11.95 17.97 40.05
N VAL C 204 12.05 17.21 41.13
CA VAL C 204 12.49 17.77 42.39
C VAL C 204 13.92 18.23 42.14
N LEU C 205 14.30 19.42 42.62
CA LEU C 205 15.67 19.89 42.39
C LEU C 205 16.69 19.04 43.12
N ALA C 206 17.90 18.99 42.61
CA ALA C 206 18.92 18.20 43.26
C ALA C 206 19.23 18.79 44.63
N GLU C 207 19.73 17.95 45.55
CA GLU C 207 20.05 18.38 46.91
C GLU C 207 21.23 19.35 46.86
N ASP C 208 21.72 19.56 45.65
CA ASP C 208 22.87 20.41 45.42
C ASP C 208 22.58 21.63 44.54
N GLU C 209 21.34 21.78 44.08
CA GLU C 209 20.99 22.93 43.23
C GLU C 209 20.37 24.04 44.08
N GLU C 210 20.39 25.26 43.56
CA GLU C 210 19.78 26.39 44.27
C GLU C 210 18.48 26.79 43.55
N MET C 211 18.20 26.11 42.43
CA MET C 211 16.99 26.33 41.63
C MET C 211 16.78 25.03 40.88
N ASN C 212 15.58 24.80 40.35
CA ASN C 212 15.30 23.56 39.64
C ASN C 212 15.90 23.56 38.23
N ARG C 213 15.99 22.38 37.62
CA ARG C 213 16.59 22.31 36.29
C ARG C 213 16.00 23.22 35.25
N MET C 214 14.67 23.33 35.20
CA MET C 214 14.04 24.20 34.21
C MET C 214 14.62 25.61 34.35
N HIS C 215 14.82 26.04 35.59
CA HIS C 215 15.38 27.37 35.82
C HIS C 215 16.88 27.43 35.52
N GLU C 216 17.57 26.32 35.68
CA GLU C 216 18.99 26.29 35.36
C GLU C 216 19.05 26.58 33.86
N SER C 217 18.19 25.90 33.10
CA SER C 217 18.12 26.08 31.66
C SER C 217 17.75 27.52 31.29
N MET C 218 16.80 28.10 32.02
CA MET C 218 16.39 29.48 31.77
C MET C 218 17.54 30.43 31.98
N LYS C 219 18.31 30.19 33.05
CA LYS C 219 19.44 31.04 33.39
C LYS C 219 20.47 31.06 32.26
N LEU C 220 20.80 29.88 31.76
CA LEU C 220 21.76 29.75 30.67
C LEU C 220 21.19 30.44 29.44
N PHE C 221 19.93 30.17 29.16
CA PHE C 221 19.28 30.79 28.01
C PHE C 221 19.32 32.30 28.16
N ASP C 222 19.17 32.79 29.39
CA ASP C 222 19.21 34.22 29.63
C ASP C 222 20.59 34.78 29.32
N SER C 223 21.64 34.04 29.62
CA SER C 223 22.99 34.49 29.34
C SER C 223 23.34 34.49 27.86
N ILE C 224 23.15 33.35 27.21
CA ILE C 224 23.45 33.22 25.79
C ILE C 224 22.64 34.23 25.00
N CYS C 225 21.40 34.44 25.44
CA CYS C 225 20.51 35.34 24.75
C CYS C 225 20.77 36.86 24.83
N ASN C 226 21.04 37.36 26.03
CA ASN C 226 21.25 38.79 26.18
C ASN C 226 22.71 39.26 26.18
N ASN C 227 23.61 38.37 25.81
CA ASN C 227 25.02 38.73 25.77
C ASN C 227 25.30 39.41 24.43
N LYS C 228 25.73 40.67 24.48
CA LYS C 228 26.03 41.46 23.28
C LYS C 228 26.86 40.70 22.26
N TRP C 229 27.77 39.87 22.76
CA TRP C 229 28.67 39.10 21.91
C TRP C 229 27.94 38.18 20.93
N PHE C 230 26.71 37.81 21.23
CA PHE C 230 25.93 36.93 20.37
C PHE C 230 24.92 37.72 19.55
N THR C 231 25.17 39.01 19.40
CA THR C 231 24.24 39.86 18.67
C THR C 231 23.68 39.29 17.37
N ASP C 232 24.55 38.91 16.43
CA ASP C 232 24.00 38.38 15.18
C ASP C 232 24.02 36.87 15.03
N THR C 233 24.04 36.16 16.16
CA THR C 233 23.99 34.69 16.16
C THR C 233 22.49 34.43 16.35
N SER C 234 21.94 33.48 15.60
CA SER C 234 20.50 33.24 15.64
C SER C 234 19.73 32.78 16.88
N ILE C 235 20.08 31.65 17.47
CA ILE C 235 19.30 31.15 18.62
C ILE C 235 17.95 30.59 18.17
N ILE C 236 17.83 29.27 18.20
CA ILE C 236 16.58 28.61 17.84
C ILE C 236 16.23 27.84 19.10
N LEU C 237 15.00 27.98 19.57
CA LEU C 237 14.59 27.31 20.78
C LEU C 237 13.84 26.01 20.50
N PHE C 238 14.41 24.89 20.92
CA PHE C 238 13.80 23.57 20.76
C PHE C 238 13.22 23.18 22.11
N LEU C 239 11.92 23.32 22.27
CA LEU C 239 11.28 22.93 23.52
C LEU C 239 10.94 21.47 23.28
N ASN C 240 11.88 20.62 23.70
CA ASN C 240 11.83 19.17 23.52
C ASN C 240 11.05 18.33 24.54
N LYS C 241 10.95 17.04 24.26
CA LYS C 241 10.23 16.08 25.09
C LYS C 241 8.78 16.47 25.31
N LYS C 242 8.16 17.01 24.26
CA LYS C 242 6.76 17.45 24.33
C LYS C 242 5.82 16.27 24.57
N ASP C 243 6.21 15.09 24.11
CA ASP C 243 5.36 13.90 24.31
C ASP C 243 5.26 13.56 25.79
N LEU C 244 6.40 13.48 26.47
CA LEU C 244 6.43 13.17 27.88
C LEU C 244 5.74 14.28 28.67
N PHE C 245 5.84 15.50 28.16
CA PHE C 245 5.23 16.63 28.82
C PHE C 245 3.71 16.51 28.73
N GLU C 246 3.23 16.07 27.57
CA GLU C 246 1.80 15.90 27.36
C GLU C 246 1.21 14.88 28.33
N GLU C 247 2.02 13.90 28.72
CA GLU C 247 1.58 12.89 29.67
C GLU C 247 1.70 13.37 31.11
N LYS C 248 2.82 13.99 31.44
CA LYS C 248 3.02 14.49 32.79
C LYS C 248 2.02 15.58 33.11
N ILE C 249 1.80 16.48 32.16
CA ILE C 249 0.89 17.59 32.40
C ILE C 249 -0.49 17.17 32.89
N LYS C 250 -0.93 15.97 32.52
CA LYS C 250 -2.25 15.53 32.93
C LYS C 250 -2.42 15.33 34.43
N LYS C 251 -1.30 15.12 35.13
CA LYS C 251 -1.36 14.88 36.57
C LYS C 251 -0.37 15.67 37.45
N SER C 252 0.67 16.27 36.85
CA SER C 252 1.65 17.06 37.61
C SER C 252 1.45 18.53 37.30
N PRO C 253 0.95 19.30 38.27
CA PRO C 253 0.71 20.73 38.04
C PRO C 253 1.99 21.55 37.78
N LEU C 254 1.93 22.42 36.77
CA LEU C 254 3.06 23.26 36.40
C LEU C 254 3.55 24.10 37.57
N THR C 255 2.68 24.35 38.54
CA THR C 255 3.04 25.14 39.71
C THR C 255 4.20 24.50 40.46
N ILE C 256 4.47 23.23 40.16
CA ILE C 256 5.57 22.53 40.79
C ILE C 256 6.85 23.23 40.38
N CYS C 257 6.83 23.80 39.18
CA CYS C 257 8.00 24.48 38.63
C CYS C 257 7.95 26.00 38.75
N TYR C 258 6.79 26.59 38.47
CA TYR C 258 6.60 28.05 38.54
C TYR C 258 5.42 28.33 39.48
N PRO C 259 5.64 28.25 40.80
CA PRO C 259 4.55 28.49 41.76
C PRO C 259 3.58 29.63 41.45
N GLU C 260 4.03 30.65 40.73
CA GLU C 260 3.13 31.76 40.44
C GLU C 260 2.19 31.52 39.26
N TYR C 261 2.22 30.31 38.70
CA TYR C 261 1.37 29.97 37.57
C TYR C 261 -0.10 29.91 38.01
N ALA C 262 -0.99 30.48 37.20
CA ALA C 262 -2.41 30.49 37.51
C ALA C 262 -3.27 30.07 36.33
N GLY C 263 -2.64 29.49 35.32
CA GLY C 263 -3.36 29.02 34.15
C GLY C 263 -3.81 27.59 34.34
N SER C 264 -4.54 27.05 33.36
CA SER C 264 -5.01 25.68 33.46
C SER C 264 -3.84 24.72 33.26
N ASN C 265 -3.95 23.54 33.85
CA ASN C 265 -2.89 22.54 33.70
C ASN C 265 -3.17 21.67 32.49
N THR C 266 -3.10 22.29 31.32
CA THR C 266 -3.31 21.62 30.04
C THR C 266 -2.06 21.69 29.18
N TYR C 267 -1.93 20.73 28.27
CA TYR C 267 -0.78 20.67 27.38
C TYR C 267 -0.49 22.01 26.71
N GLU C 268 -1.44 22.48 25.90
CA GLU C 268 -1.28 23.74 25.18
C GLU C 268 -0.82 24.93 26.03
N GLU C 269 -1.62 25.27 27.04
CA GLU C 269 -1.30 26.40 27.90
C GLU C 269 -0.01 26.24 28.68
N ALA C 270 0.16 25.09 29.32
CA ALA C 270 1.38 24.85 30.09
C ALA C 270 2.63 24.96 29.20
N ALA C 271 2.58 24.39 28.01
CA ALA C 271 3.70 24.45 27.10
C ALA C 271 3.99 25.88 26.69
N ALA C 272 2.94 26.60 26.32
CA ALA C 272 3.09 27.98 25.90
C ALA C 272 3.64 28.83 27.04
N TYR C 273 3.29 28.51 28.29
CA TYR C 273 3.79 29.29 29.41
C TYR C 273 5.29 29.10 29.60
N ILE C 274 5.75 27.87 29.45
CA ILE C 274 7.16 27.56 29.60
C ILE C 274 7.95 28.29 28.52
N GLN C 275 7.50 28.17 27.27
CA GLN C 275 8.16 28.86 26.17
C GLN C 275 8.26 30.34 26.55
N CYS C 276 7.18 30.81 27.14
CA CYS C 276 7.07 32.19 27.54
C CYS C 276 8.05 32.62 28.64
N GLN C 277 8.35 31.74 29.58
CA GLN C 277 9.28 32.10 30.64
C GLN C 277 10.68 32.28 30.06
N PHE C 278 10.96 31.54 28.98
CA PHE C 278 12.25 31.64 28.32
C PHE C 278 12.33 32.90 27.46
N GLU C 279 11.35 33.06 26.57
CA GLU C 279 11.33 34.21 25.68
C GLU C 279 11.20 35.57 26.36
N ASP C 280 10.54 35.64 27.50
CA ASP C 280 10.44 36.91 28.21
C ASP C 280 11.81 37.36 28.74
N LEU C 281 12.76 36.43 28.81
CA LEU C 281 14.11 36.75 29.28
C LEU C 281 14.85 37.58 28.23
N ASN C 282 14.55 37.34 26.97
CA ASN C 282 15.18 38.04 25.87
C ASN C 282 14.91 39.54 25.90
N LYS C 283 15.91 40.32 26.32
CA LYS C 283 15.76 41.77 26.41
C LYS C 283 16.16 42.51 25.15
N ARG C 284 15.40 42.24 24.09
CA ARG C 284 15.56 42.82 22.77
C ARG C 284 14.54 42.08 21.90
N LYS C 285 13.39 41.74 22.49
CA LYS C 285 12.36 41.02 21.77
C LYS C 285 12.07 41.67 20.42
N ASP C 286 12.26 42.99 20.36
CA ASP C 286 12.04 43.74 19.13
C ASP C 286 13.30 43.70 18.27
N THR C 287 14.47 43.78 18.93
CA THR C 287 15.76 43.76 18.24
C THR C 287 16.04 42.42 17.55
N LYS C 288 16.03 41.34 18.32
CA LYS C 288 16.29 39.99 17.78
C LYS C 288 15.12 39.02 18.05
N GLU C 289 14.93 38.04 17.15
CA GLU C 289 13.84 37.06 17.29
C GLU C 289 14.32 35.66 17.66
N ILE C 290 13.52 34.98 18.49
CA ILE C 290 13.85 33.63 18.93
C ILE C 290 12.91 32.63 18.27
N TYR C 291 13.35 32.04 17.17
CA TYR C 291 12.52 31.06 16.49
C TYR C 291 12.32 29.88 17.45
N THR C 292 11.06 29.49 17.67
CA THR C 292 10.76 28.39 18.57
C THR C 292 10.08 27.21 17.89
N HIS C 293 10.36 26.02 18.38
CA HIS C 293 9.80 24.78 17.86
C HIS C 293 9.51 23.85 19.03
N PHE C 294 8.42 23.11 18.93
CA PHE C 294 8.07 22.16 19.97
C PHE C 294 8.41 20.81 19.36
N THR C 295 9.25 20.05 20.04
CA THR C 295 9.66 18.78 19.45
C THR C 295 9.70 17.51 20.28
N CYS C 296 10.02 16.44 19.57
CA CYS C 296 10.16 15.09 20.13
C CYS C 296 11.39 14.47 19.43
N ALA C 297 12.57 14.77 19.97
CA ALA C 297 13.84 14.31 19.43
C ALA C 297 13.93 12.80 19.12
N THR C 298 13.13 12.01 19.80
CA THR C 298 13.19 10.56 19.56
C THR C 298 12.30 10.15 18.41
N ASP C 299 11.40 11.03 18.01
CA ASP C 299 10.49 10.76 16.91
C ASP C 299 10.98 11.38 15.60
N THR C 300 11.70 10.58 14.82
CA THR C 300 12.30 10.99 13.56
C THR C 300 11.37 11.74 12.60
N LYS C 301 10.10 11.36 12.58
CA LYS C 301 9.15 12.04 11.70
C LYS C 301 9.00 13.50 12.12
N ASN C 302 9.00 13.75 13.42
CA ASN C 302 8.88 15.10 13.91
C ASN C 302 10.17 15.90 13.69
N VAL C 303 11.31 15.27 13.95
CA VAL C 303 12.62 15.89 13.79
C VAL C 303 12.88 16.27 12.33
N GLN C 304 12.41 15.42 11.41
CA GLN C 304 12.60 15.68 9.98
C GLN C 304 11.76 16.88 9.59
N PHE C 305 10.54 16.89 10.10
CA PHE C 305 9.61 18.00 9.83
C PHE C 305 10.19 19.29 10.42
N VAL C 306 10.39 19.29 11.73
CA VAL C 306 10.92 20.46 12.41
C VAL C 306 12.22 20.99 11.80
N PHE C 307 13.16 20.09 11.48
CA PHE C 307 14.43 20.56 10.93
C PHE C 307 14.26 21.12 9.52
N ASP C 308 13.26 20.61 8.81
CA ASP C 308 12.97 21.07 7.46
C ASP C 308 12.66 22.57 7.59
N ALA C 309 11.82 22.90 8.56
CA ALA C 309 11.43 24.28 8.81
C ALA C 309 12.64 25.09 9.23
N VAL C 310 13.52 24.49 10.02
CA VAL C 310 14.71 25.21 10.46
C VAL C 310 15.52 25.58 9.23
N THR C 311 15.79 24.59 8.39
CA THR C 311 16.56 24.79 7.18
C THR C 311 16.00 25.88 6.29
N ASP C 312 14.68 25.99 6.23
CA ASP C 312 14.08 27.02 5.38
C ASP C 312 14.35 28.43 5.90
N VAL C 313 14.10 28.66 7.18
CA VAL C 313 14.34 29.98 7.75
C VAL C 313 15.82 30.35 7.64
N ILE C 314 16.69 29.35 7.55
CA ILE C 314 18.13 29.58 7.42
C ILE C 314 18.43 30.00 5.98
N ILE C 315 17.69 29.41 5.05
CA ILE C 315 17.86 29.72 3.65
C ILE C 315 17.24 31.08 3.33
N LYS C 316 16.01 31.32 3.74
CA LYS C 316 15.37 32.60 3.46
C LYS C 316 16.08 33.73 4.20
N ASN C 317 16.80 33.39 5.26
CA ASN C 317 17.55 34.39 6.01
C ASN C 317 18.87 34.58 5.24
N ASN C 318 18.79 34.34 3.93
CA ASN C 318 19.92 34.46 3.00
C ASN C 318 21.08 33.52 3.30
N ASP D 1 31.89 38.28 32.50
CA ASP D 1 32.78 38.10 31.32
C ASP D 1 32.44 36.76 30.68
N ILE D 2 33.30 36.29 29.78
CA ILE D 2 33.07 35.00 29.15
C ILE D 2 33.24 33.93 30.21
N GLU D 3 34.13 34.18 31.16
CA GLU D 3 34.39 33.23 32.24
C GLU D 3 33.10 32.87 32.94
N GLY D 4 32.25 33.88 33.17
CA GLY D 4 30.99 33.63 33.82
C GLY D 4 30.16 32.66 33.01
N LEU D 5 30.09 32.90 31.70
CA LEU D 5 29.32 32.05 30.79
C LEU D 5 29.88 30.62 30.69
N VAL D 6 31.20 30.47 30.84
CA VAL D 6 31.82 29.16 30.73
C VAL D 6 31.57 28.32 31.97
N GLU D 7 31.56 28.93 33.13
CA GLU D 7 31.26 28.18 34.34
C GLU D 7 29.82 27.72 34.17
N LEU D 8 28.93 28.68 33.94
CA LEU D 8 27.50 28.42 33.75
C LEU D 8 27.28 27.29 32.74
N LEU D 9 27.93 27.40 31.59
CA LEU D 9 27.80 26.39 30.56
C LEU D 9 28.21 25.01 31.05
N ASN D 10 29.30 24.96 31.81
CA ASN D 10 29.78 23.67 32.30
C ASN D 10 28.96 23.09 33.44
N ARG D 11 28.35 23.94 34.26
CA ARG D 11 27.55 23.42 35.37
C ARG D 11 26.20 22.97 34.88
N VAL D 12 25.56 23.77 34.02
CA VAL D 12 24.25 23.43 33.50
C VAL D 12 24.24 22.39 32.40
N GLN D 13 25.35 22.20 31.69
CA GLN D 13 25.37 21.26 30.59
C GLN D 13 25.81 19.83 30.89
N SER D 14 26.10 19.53 32.16
CA SER D 14 26.55 18.20 32.52
C SER D 14 25.60 17.54 33.51
N SER D 15 24.63 18.31 33.98
CA SER D 15 23.63 17.85 34.95
C SER D 15 22.96 16.53 34.54
N GLY D 16 23.49 15.90 33.50
CA GLY D 16 22.96 14.64 33.02
C GLY D 16 24.01 13.69 32.49
N ALA D 17 24.96 13.30 33.35
CA ALA D 17 26.02 12.38 32.98
C ALA D 17 26.22 11.39 34.13
N HIS D 18 25.23 11.33 35.02
CA HIS D 18 25.26 10.48 36.20
C HIS D 18 24.79 9.02 36.02
N ASP D 19 25.64 8.11 36.47
CA ASP D 19 25.44 6.66 36.48
C ASP D 19 24.67 5.94 35.37
N GLN D 20 23.75 6.63 34.71
CA GLN D 20 22.95 5.96 33.69
C GLN D 20 23.34 6.22 32.25
N ARG D 21 24.63 6.21 31.97
CA ARG D 21 25.07 6.43 30.60
C ARG D 21 26.37 5.71 30.29
N GLY D 22 26.45 5.11 29.11
CA GLY D 22 27.65 4.41 28.71
C GLY D 22 27.66 2.94 29.12
N LEU D 23 28.72 2.23 28.80
CA LEU D 23 28.81 0.82 29.15
C LEU D 23 28.81 0.70 30.66
N LEU D 24 28.35 -0.46 31.13
CA LEU D 24 28.26 -0.72 32.57
C LEU D 24 29.66 -0.70 33.16
N ARG D 25 29.80 -0.12 34.34
CA ARG D 25 31.12 -0.06 34.97
C ARG D 25 31.08 -0.30 36.48
N LYS D 26 32.07 -1.05 36.94
CA LYS D 26 32.25 -1.40 38.35
C LYS D 26 31.57 -0.41 39.27
N GLU D 27 31.80 0.86 38.99
CA GLU D 27 31.25 1.98 39.74
C GLU D 27 29.76 1.85 40.00
N ASP D 28 28.96 1.90 38.95
CA ASP D 28 27.50 1.82 39.04
C ASP D 28 26.97 0.56 39.72
N LEU D 29 27.85 -0.42 39.97
CA LEU D 29 27.41 -1.67 40.57
C LEU D 29 27.62 -1.86 42.06
N VAL D 30 28.17 -0.87 42.74
CA VAL D 30 28.36 -1.02 44.18
C VAL D 30 27.00 -1.14 44.86
N LEU D 31 26.67 -2.36 45.26
CA LEU D 31 25.39 -2.66 45.92
C LEU D 31 25.04 -1.61 46.96
N PRO D 32 23.85 -1.00 46.86
CA PRO D 32 23.45 0.02 47.82
C PRO D 32 23.41 -0.53 49.24
N GLU D 33 23.50 0.33 50.23
CA GLU D 33 23.49 -0.08 51.63
C GLU D 33 22.16 -0.71 52.03
N PHE D 34 21.67 -1.63 51.21
CA PHE D 34 20.41 -2.33 51.48
C PHE D 34 20.61 -3.85 51.43
CS CS E . -19.82 -26.25 -33.54
CS CS F . -15.81 -19.35 -47.22
CS CS G . -13.03 2.49 -42.06
CS CS H . -12.70 7.94 -29.72
CS CS I . -19.73 10.26 -34.26
CS CS J . -9.40 3.26 -26.02
CS CS K . -9.24 -44.03 -38.82
PB GDP L . -16.57 -11.41 -24.42
O1B GDP L . -16.81 -10.00 -24.21
O2B GDP L . -15.70 -12.09 -23.42
O3B GDP L . -17.79 -12.31 -24.37
O3A GDP L . -15.57 -11.46 -25.81
PA GDP L . -16.04 -10.90 -27.28
O1A GDP L . -14.78 -11.06 -28.09
O2A GDP L . -17.34 -10.47 -27.74
O5' GDP L . -16.19 -12.41 -27.77
C5' GDP L . -17.16 -13.42 -27.66
C4' GDP L . -16.78 -14.41 -28.83
O4' GDP L . -17.91 -14.85 -29.68
C3' GDP L . -15.87 -13.81 -29.96
O3' GDP L . -15.24 -14.97 -30.57
C2' GDP L . -16.85 -13.16 -30.93
O2' GDP L . -16.32 -13.00 -32.23
C1' GDP L . -17.97 -14.14 -30.92
N9 GDP L . -19.33 -13.51 -30.95
C8 GDP L . -19.91 -12.52 -30.21
N7 GDP L . -21.14 -12.27 -30.54
C5 GDP L . -21.41 -13.16 -31.58
C6 GDP L . -22.58 -13.39 -32.37
O6 GDP L . -23.67 -12.83 -32.27
N1 GDP L . -22.40 -14.43 -33.33
C2 GDP L . -21.23 -15.13 -33.52
N2 GDP L . -21.24 -16.05 -34.47
N3 GDP L . -20.11 -14.91 -32.78
C4 GDP L . -20.29 -13.93 -31.86
MG MG M . -13.48 -12.06 -22.01
MG MG N . 24.25 15.37 24.40
CS CS O . 8.00 7.80 35.79
CS CS P . 21.95 13.70 2.03
CS CS Q . 6.46 -3.86 24.64
CS CS R . 8.71 1.69 54.32
CS CS S . 19.87 2.57 7.45
CS CS T . 28.81 12.46 7.26
CS CS U . 31.85 12.49 13.02
PB GDP V . 21.43 15.35 26.11
O1B GDP V . 21.87 15.97 24.87
O2B GDP V . 22.40 15.43 27.24
O3B GDP V . 20.21 15.98 26.77
O3A GDP V . 21.41 13.69 25.81
PA GDP V . 20.45 12.95 24.67
O1A GDP V . 20.92 11.51 24.84
O2A GDP V . 19.38 13.48 23.84
O5' GDP V . 19.43 12.46 25.82
C5' GDP V . 18.34 13.01 26.52
C4' GDP V . 17.56 11.74 27.07
O4' GDP V . 16.10 11.75 26.84
C3' GDP V . 17.86 10.37 26.35
O3' GDP V . 17.44 9.33 27.29
C2' GDP V . 16.95 10.39 25.12
O2' GDP V . 16.76 9.10 24.54
C1' GDP V . 15.69 10.97 25.71
N9 GDP V . 14.98 11.97 24.85
C8 GDP V . 15.43 13.07 24.15
N7 GDP V . 14.49 13.71 23.55
C5 GDP V . 13.33 13.03 23.85
C6 GDP V . 11.95 13.24 23.50
O6 GDP V . 11.49 14.16 22.82
N1 GDP V . 11.08 12.26 24.04
C2 GDP V . 11.48 11.19 24.82
N2 GDP V . 10.53 10.38 25.21
N3 GDP V . 12.78 10.97 25.17
C4 GDP V . 13.61 11.92 24.66
CS CS W . 36.83 37.60 34.15
#